data_6AWU
#
_entry.id   6AWU
#
_cell.length_a   54.919
_cell.length_b   60.798
_cell.length_c   186.268
_cell.angle_alpha   90.00
_cell.angle_beta   90.00
_cell.angle_gamma   90.00
#
_symmetry.space_group_name_H-M   'P 21 21 21'
#
loop_
_entity.id
_entity.type
_entity.pdbx_description
1 polymer 'Ara h 8 allergen'
2 non-polymer 'CAFFEIC ACID'
3 non-polymer 'SODIUM ION'
4 non-polymer 'CHLORIDE ION'
5 water water
#
_entity_poly.entity_id   1
_entity_poly.type   'polypeptide(L)'
_entity_poly.pdbx_seq_one_letter_code
;GVFTFEDEITSTVPPAKLYNAMKDADSITPKIIDDVKSVEIVEGNGGPGTIKKLTIVEDGETKFILHKVESIDEANYAYN
YSVVGGVALPPTAEKITFETKLVEGPNGGSIGKLTLKYHTKGDAKPDEEELKKGKAKGEGLFRAIEGYVLANPTQY
;
_entity_poly.pdbx_strand_id   A,B,C,D
#
loop_
_chem_comp.id
_chem_comp.type
_chem_comp.name
_chem_comp.formula
CL non-polymer 'CHLORIDE ION' 'Cl -1'
DHC non-polymer 'CAFFEIC ACID' 'C9 H8 O4'
NA non-polymer 'SODIUM ION' 'Na 1'
#
# COMPACT_ATOMS: atom_id res chain seq x y z
N GLY A 1 -0.05 41.37 -13.17
CA GLY A 1 1.27 40.71 -13.12
C GLY A 1 1.11 39.28 -13.55
N VAL A 2 2.22 38.56 -13.59
CA VAL A 2 2.22 37.14 -13.96
C VAL A 2 2.93 36.36 -12.87
N PHE A 3 2.27 35.32 -12.38
CA PHE A 3 2.81 34.50 -11.29
C PHE A 3 2.94 33.08 -11.82
N THR A 4 4.11 32.49 -11.60
CA THR A 4 4.50 31.30 -12.34
C THR A 4 4.90 30.22 -11.36
N PHE A 5 4.26 29.07 -11.54
CA PHE A 5 4.42 27.88 -10.67
C PHE A 5 4.72 26.65 -11.51
N GLU A 6 5.44 25.71 -10.94
CA GLU A 6 5.76 24.47 -11.63
C GLU A 6 5.42 23.29 -10.75
N ASP A 7 4.82 22.29 -11.34
CA ASP A 7 4.52 21.03 -10.69
C ASP A 7 5.01 19.89 -11.61
N GLU A 8 5.19 18.72 -11.01
CA GLU A 8 5.59 17.53 -11.73
C GLU A 8 4.76 16.37 -11.22
N ILE A 9 4.59 15.37 -12.08
CA ILE A 9 3.82 14.16 -11.74
C ILE A 9 4.35 12.97 -12.57
N THR A 10 4.42 11.80 -11.94
CA THR A 10 4.90 10.59 -12.63
C THR A 10 3.78 9.60 -13.05
N SER A 11 4.08 8.84 -14.10
CA SER A 11 3.24 7.75 -14.56
C SER A 11 4.10 6.58 -14.96
N THR A 12 3.53 5.37 -14.91
CA THR A 12 4.19 4.16 -15.50
C THR A 12 4.13 4.14 -17.02
N VAL A 13 3.11 4.79 -17.59
CA VAL A 13 2.85 4.85 -19.04
C VAL A 13 3.91 5.68 -19.79
N PRO A 14 4.43 5.15 -20.93
CA PRO A 14 5.37 5.99 -21.66
C PRO A 14 4.76 7.23 -22.35
N PRO A 15 5.53 8.30 -22.51
CA PRO A 15 5.05 9.59 -22.98
C PRO A 15 4.33 9.58 -24.33
N ALA A 16 4.83 8.85 -25.31
CA ALA A 16 4.19 8.83 -26.66
C ALA A 16 2.71 8.45 -26.57
N LYS A 17 2.50 7.33 -25.88
CA LYS A 17 1.17 6.79 -25.60
C LYS A 17 0.32 7.76 -24.78
N LEU A 18 0.90 8.26 -23.73
CA LEU A 18 0.20 9.21 -22.86
C LEU A 18 -0.18 10.48 -23.61
N TYR A 19 0.72 10.92 -24.48
CA TYR A 19 0.47 12.16 -25.27
C TYR A 19 -0.62 12.02 -26.32
N ASN A 20 -0.68 10.87 -26.96
CA ASN A 20 -1.77 10.60 -27.91
C ASN A 20 -3.11 10.63 -27.20
N ALA A 21 -3.12 10.12 -25.98
CA ALA A 21 -4.30 10.19 -25.15
C ALA A 21 -4.68 11.65 -24.75
N MET A 22 -3.69 12.48 -24.47
CA MET A 22 -3.98 13.88 -24.14
C MET A 22 -4.79 14.54 -25.28
N LYS A 23 -4.41 14.24 -26.52
CA LYS A 23 -5.09 14.79 -27.73
C LYS A 23 -6.58 14.52 -27.75
N ASP A 24 -6.95 13.34 -27.25
CA ASP A 24 -8.36 12.95 -27.14
C ASP A 24 -8.94 13.32 -25.77
N ALA A 25 -8.32 14.27 -25.07
CA ALA A 25 -8.79 14.65 -23.72
C ALA A 25 -10.23 15.19 -23.69
N ASP A 26 -10.63 15.84 -24.79
CA ASP A 26 -12.02 16.33 -24.92
C ASP A 26 -13.07 15.23 -24.91
N SER A 27 -12.70 14.08 -25.44
CA SER A 27 -13.58 12.91 -25.41
C SER A 27 -13.38 12.00 -24.18
N ILE A 28 -12.19 12.04 -23.60
CA ILE A 28 -11.83 11.21 -22.43
C ILE A 28 -12.35 11.81 -21.14
N THR A 29 -11.99 13.07 -20.90
CA THR A 29 -12.21 13.70 -19.58
C THR A 29 -13.65 13.66 -19.09
N PRO A 30 -14.65 13.77 -20.01
CA PRO A 30 -16.04 13.75 -19.51
C PRO A 30 -16.48 12.38 -19.00
N LYS A 31 -15.83 11.36 -19.54
CA LYS A 31 -16.09 9.95 -19.17
C LYS A 31 -15.56 9.58 -17.78
N ILE A 32 -14.31 9.91 -17.57
CA ILE A 32 -13.62 9.49 -16.39
C ILE A 32 -13.77 10.50 -15.22
N ILE A 33 -13.59 11.78 -15.47
CA ILE A 33 -13.84 12.82 -14.46
C ILE A 33 -15.34 13.09 -14.30
N ASP A 34 -15.80 13.00 -13.06
CA ASP A 34 -17.25 12.98 -12.76
C ASP A 34 -17.88 14.36 -12.98
N ASP A 35 -17.28 15.39 -12.40
CA ASP A 35 -17.70 16.78 -12.55
C ASP A 35 -17.83 17.21 -14.01
N VAL A 36 -16.89 16.80 -14.83
CA VAL A 36 -16.91 17.13 -16.29
C VAL A 36 -17.97 16.34 -17.06
N LYS A 37 -18.78 17.09 -17.80
CA LYS A 37 -19.92 16.57 -18.53
C LYS A 37 -19.71 16.57 -20.02
N SER A 38 -19.12 17.63 -20.53
CA SER A 38 -18.74 17.66 -21.96
C SER A 38 -17.76 18.76 -22.26
N VAL A 39 -17.23 18.70 -23.47
CA VAL A 39 -16.17 19.59 -23.94
C VAL A 39 -16.45 19.89 -25.40
N GLU A 40 -16.90 21.09 -25.70
CA GLU A 40 -17.34 21.45 -27.06
C GLU A 40 -16.41 22.45 -27.72
N ILE A 41 -15.96 22.18 -28.94
CA ILE A 41 -15.26 23.23 -29.73
C ILE A 41 -16.28 24.29 -30.12
N VAL A 42 -16.12 25.51 -29.62
CA VAL A 42 -17.02 26.65 -29.90
C VAL A 42 -16.55 27.47 -31.11
N GLU A 43 -15.25 27.69 -31.20
CA GLU A 43 -14.63 28.39 -32.33
C GLU A 43 -13.28 27.73 -32.57
N GLY A 44 -12.89 27.56 -33.83
CA GLY A 44 -11.61 26.93 -34.17
C GLY A 44 -11.74 25.49 -34.59
N ASN A 45 -10.62 24.95 -35.07
CA ASN A 45 -10.51 23.53 -35.55
C ASN A 45 -9.78 22.54 -34.60
N GLY A 46 -9.53 22.96 -33.36
CA GLY A 46 -8.73 22.18 -32.35
C GLY A 46 -7.27 22.64 -32.16
N GLY A 47 -6.77 23.41 -33.11
CA GLY A 47 -5.42 23.98 -33.02
C GLY A 47 -5.37 25.28 -32.24
N PRO A 48 -4.19 25.93 -32.23
CA PRO A 48 -4.05 27.22 -31.57
C PRO A 48 -5.10 28.24 -32.00
N GLY A 49 -5.64 28.95 -31.02
CA GLY A 49 -6.72 29.91 -31.23
C GLY A 49 -8.08 29.33 -30.90
N THR A 50 -8.19 28.00 -30.93
CA THR A 50 -9.44 27.32 -30.60
C THR A 50 -9.97 27.69 -29.21
N ILE A 51 -11.28 27.83 -29.13
CA ILE A 51 -11.98 28.06 -27.84
C ILE A 51 -12.85 26.84 -27.60
N LYS A 52 -12.74 26.29 -26.41
CA LYS A 52 -13.53 25.15 -25.97
C LYS A 52 -14.39 25.53 -24.78
N LYS A 53 -15.62 25.05 -24.81
CA LYS A 53 -16.54 25.19 -23.67
C LYS A 53 -16.65 23.86 -22.90
N LEU A 54 -16.15 23.89 -21.68
CA LEU A 54 -16.33 22.78 -20.76
C LEU A 54 -17.51 23.03 -19.92
N THR A 55 -18.20 21.97 -19.62
CA THR A 55 -19.41 22.03 -18.82
C THR A 55 -19.20 21.20 -17.58
N ILE A 56 -19.13 21.88 -16.44
CA ILE A 56 -18.78 21.28 -15.14
C ILE A 56 -20.02 21.22 -14.29
N VAL A 57 -20.01 20.35 -13.30
CA VAL A 57 -21.00 20.36 -12.22
C VAL A 57 -20.28 20.43 -10.88
N GLU A 58 -20.54 21.51 -10.17
CA GLU A 58 -19.86 21.81 -8.92
C GLU A 58 -21.02 22.01 -7.94
N ASP A 59 -21.24 21.03 -7.07
CA ASP A 59 -22.33 21.08 -6.04
C ASP A 59 -23.73 21.20 -6.65
N GLY A 60 -23.99 20.33 -7.62
CA GLY A 60 -25.28 20.28 -8.36
C GLY A 60 -25.63 21.50 -9.18
N GLU A 61 -24.62 22.31 -9.43
CA GLU A 61 -24.73 23.54 -10.16
C GLU A 61 -23.93 23.42 -11.44
N THR A 62 -24.54 23.66 -12.58
CA THR A 62 -23.85 23.63 -13.88
C THR A 62 -23.09 24.93 -14.10
N LYS A 63 -21.79 24.79 -14.33
CA LYS A 63 -20.89 25.91 -14.59
C LYS A 63 -20.21 25.70 -15.93
N PHE A 64 -19.66 26.75 -16.48
CA PHE A 64 -18.96 26.68 -17.77
C PHE A 64 -17.55 27.15 -17.57
N ILE A 65 -16.65 26.60 -18.35
CA ILE A 65 -15.28 27.03 -18.35
C ILE A 65 -14.92 27.18 -19.82
N LEU A 66 -14.17 28.21 -20.12
CA LEU A 66 -13.71 28.46 -21.47
C LEU A 66 -12.21 28.24 -21.53
N HIS A 67 -11.76 27.39 -22.43
CA HIS A 67 -10.31 27.18 -22.68
C HIS A 67 -9.93 27.81 -23.98
N LYS A 68 -8.78 28.45 -24.02
CA LYS A 68 -8.16 28.81 -25.30
C LYS A 68 -6.98 27.85 -25.51
N VAL A 69 -6.90 27.24 -26.67
CA VAL A 69 -5.71 26.47 -27.01
C VAL A 69 -4.63 27.48 -27.37
N GLU A 70 -3.48 27.41 -26.70
CA GLU A 70 -2.37 28.34 -26.94
C GLU A 70 -1.37 27.81 -27.96
N SER A 71 -0.89 26.61 -27.72
CA SER A 71 0.05 25.97 -28.64
C SER A 71 0.05 24.45 -28.49
N ILE A 72 0.59 23.79 -29.49
CA ILE A 72 0.70 22.32 -29.50
C ILE A 72 1.99 21.94 -30.21
N ASP A 73 2.98 21.48 -29.45
CA ASP A 73 4.22 20.94 -30.03
C ASP A 73 4.23 19.42 -29.87
N GLU A 74 3.74 18.71 -30.88
CA GLU A 74 3.66 17.22 -30.83
C GLU A 74 5.02 16.52 -30.80
N ALA A 75 6.04 17.20 -31.32
CA ALA A 75 7.45 16.76 -31.22
C ALA A 75 7.89 16.61 -29.75
N ASN A 76 7.52 17.58 -28.92
CA ASN A 76 7.89 17.59 -27.48
C ASN A 76 6.79 17.18 -26.52
N TYR A 77 5.81 16.47 -27.04
CA TYR A 77 4.65 16.05 -26.25
C TYR A 77 4.03 17.20 -25.46
N ALA A 78 4.01 18.36 -26.08
CA ALA A 78 3.57 19.59 -25.40
C ALA A 78 2.17 20.01 -25.83
N TYR A 79 1.46 20.58 -24.87
CA TYR A 79 0.09 21.04 -25.08
C TYR A 79 -0.20 22.15 -24.07
N ASN A 80 -0.45 23.35 -24.60
CA ASN A 80 -0.60 24.57 -23.81
C ASN A 80 -1.96 25.14 -24.04
N TYR A 81 -2.65 25.41 -22.96
CA TYR A 81 -3.98 25.98 -23.03
C TYR A 81 -4.19 26.98 -21.91
N SER A 82 -5.12 27.89 -22.14
CA SER A 82 -5.46 28.90 -21.14
C SER A 82 -6.91 28.81 -20.67
N VAL A 83 -7.12 28.91 -19.38
CA VAL A 83 -8.46 29.20 -18.84
C VAL A 83 -8.74 30.70 -19.02
N VAL A 84 -9.71 31.03 -19.84
CA VAL A 84 -10.07 32.42 -20.15
C VAL A 84 -11.46 32.85 -19.71
N GLY A 85 -12.25 31.90 -19.22
CA GLY A 85 -13.62 32.21 -18.84
C GLY A 85 -14.25 31.25 -17.86
N GLY A 86 -15.37 31.68 -17.30
CA GLY A 86 -16.11 30.88 -16.33
C GLY A 86 -15.77 31.19 -14.89
N VAL A 87 -16.54 30.55 -14.01
CA VAL A 87 -16.43 30.72 -12.54
C VAL A 87 -15.08 30.27 -12.00
N ALA A 88 -14.57 29.16 -12.50
CA ALA A 88 -13.26 28.64 -12.04
C ALA A 88 -12.16 29.72 -12.11
N LEU A 89 -12.22 30.54 -13.15
CA LEU A 89 -11.31 31.69 -13.32
C LEU A 89 -11.73 32.74 -12.28
N PRO A 90 -10.77 33.23 -11.44
CA PRO A 90 -11.10 34.27 -10.46
C PRO A 90 -11.36 35.65 -11.04
N PRO A 91 -12.15 36.47 -10.33
CA PRO A 91 -12.40 37.84 -10.83
C PRO A 91 -11.17 38.77 -10.79
N THR A 92 -10.20 38.43 -9.94
CA THR A 92 -8.86 39.09 -9.89
C THR A 92 -7.95 38.78 -11.09
N ALA A 93 -8.30 37.72 -11.84
CA ALA A 93 -7.41 37.08 -12.82
C ALA A 93 -7.83 37.34 -14.26
N GLU A 94 -6.88 37.82 -15.06
CA GLU A 94 -7.10 38.06 -16.49
C GLU A 94 -7.21 36.69 -17.20
N LYS A 95 -6.26 35.82 -16.89
CA LYS A 95 -6.24 34.43 -17.37
C LYS A 95 -5.26 33.53 -16.64
N ILE A 96 -5.44 32.22 -16.78
CA ILE A 96 -4.56 31.19 -16.19
C ILE A 96 -4.14 30.26 -17.29
N THR A 97 -2.84 30.09 -17.45
CA THR A 97 -2.31 29.28 -18.54
C THR A 97 -1.71 28.03 -17.99
N PHE A 98 -2.04 26.91 -18.63
CA PHE A 98 -1.54 25.58 -18.30
C PHE A 98 -0.64 25.18 -19.46
N GLU A 99 0.65 25.10 -19.19
CA GLU A 99 1.60 24.61 -20.20
C GLU A 99 1.98 23.22 -19.77
N THR A 100 1.62 22.24 -20.58
CA THR A 100 1.94 20.82 -20.31
C THR A 100 3.05 20.29 -21.24
N LYS A 101 3.80 19.35 -20.71
CA LYS A 101 4.86 18.69 -21.45
C LYS A 101 5.09 17.34 -20.77
N LEU A 102 5.13 16.31 -21.59
CA LEU A 102 5.52 14.97 -21.14
C LEU A 102 6.94 14.72 -21.56
N VAL A 103 7.68 14.14 -20.64
CA VAL A 103 9.07 13.71 -20.87
C VAL A 103 9.31 12.33 -20.30
N GLU A 104 10.40 11.71 -20.75
CA GLU A 104 10.69 10.33 -20.39
C GLU A 104 11.09 10.20 -18.91
N GLY A 105 10.49 9.24 -18.24
CA GLY A 105 10.82 8.93 -16.86
C GLY A 105 11.97 7.94 -16.89
N PRO A 106 12.67 7.76 -15.76
CA PRO A 106 13.87 6.91 -15.79
C PRO A 106 13.68 5.39 -15.99
N ASN A 107 12.47 4.89 -15.85
CA ASN A 107 12.16 3.43 -16.06
C ASN A 107 11.37 3.10 -17.35
N GLY A 108 11.36 4.04 -18.29
CA GLY A 108 10.51 3.96 -19.48
C GLY A 108 9.08 4.38 -19.25
N GLY A 109 8.86 5.03 -18.10
CA GLY A 109 7.55 5.60 -17.77
C GLY A 109 7.54 7.02 -18.29
N SER A 110 6.86 7.92 -17.60
CA SER A 110 6.93 9.33 -17.97
C SER A 110 6.71 10.31 -16.82
N ILE A 111 7.05 11.56 -17.11
CA ILE A 111 6.98 12.67 -16.17
C ILE A 111 6.18 13.82 -16.79
N GLY A 112 5.07 14.13 -16.16
CA GLY A 112 4.25 15.26 -16.56
C GLY A 112 4.79 16.49 -15.90
N LYS A 113 5.09 17.48 -16.73
CA LYS A 113 5.66 18.75 -16.29
C LYS A 113 4.60 19.84 -16.57
N LEU A 114 4.01 20.35 -15.50
CA LEU A 114 3.06 21.47 -15.59
C LEU A 114 3.76 22.77 -15.24
N THR A 115 3.61 23.76 -16.11
CA THR A 115 3.95 25.15 -15.78
C THR A 115 2.68 25.96 -15.81
N LEU A 116 2.28 26.42 -14.64
CA LEU A 116 1.07 27.19 -14.47
C LEU A 116 1.39 28.68 -14.39
N LYS A 117 0.85 29.46 -15.34
CA LYS A 117 1.08 30.93 -15.38
C LYS A 117 -0.21 31.66 -15.12
N TYR A 118 -0.28 32.22 -13.93
CA TYR A 118 -1.48 32.89 -13.43
C TYR A 118 -1.38 34.42 -13.72
N HIS A 119 -2.12 34.89 -14.71
CA HIS A 119 -2.15 36.32 -15.11
C HIS A 119 -3.20 37.12 -14.35
N THR A 120 -2.74 38.12 -13.60
CA THR A 120 -3.57 38.91 -12.72
C THR A 120 -3.84 40.26 -13.34
N LYS A 121 -4.93 40.86 -12.90
CA LYS A 121 -5.27 42.25 -13.27
C LYS A 121 -4.62 43.21 -12.28
N GLY A 122 -3.84 44.15 -12.81
CA GLY A 122 -3.16 45.16 -11.97
C GLY A 122 -2.15 44.56 -10.98
N ASP A 123 -2.21 45.04 -9.73
CA ASP A 123 -1.29 44.61 -8.65
C ASP A 123 -1.77 43.39 -7.83
N ALA A 124 -2.88 42.76 -8.22
CA ALA A 124 -3.42 41.59 -7.48
C ALA A 124 -2.42 40.44 -7.54
N LYS A 125 -2.30 39.75 -6.42
CA LYS A 125 -1.53 38.52 -6.34
C LYS A 125 -2.54 37.38 -6.41
N PRO A 126 -2.12 36.16 -6.82
CA PRO A 126 -3.03 35.00 -6.89
C PRO A 126 -3.50 34.54 -5.54
N ASP A 127 -4.74 34.04 -5.48
CA ASP A 127 -5.29 33.45 -4.24
C ASP A 127 -4.64 32.10 -3.95
N GLU A 128 -4.09 31.94 -2.75
CA GLU A 128 -3.45 30.64 -2.36
C GLU A 128 -4.39 29.42 -2.52
N GLU A 129 -5.67 29.68 -2.29
CA GLU A 129 -6.72 28.68 -2.47
C GLU A 129 -6.94 28.29 -3.92
N GLU A 130 -7.12 29.28 -4.78
CA GLU A 130 -7.34 29.03 -6.23
C GLU A 130 -6.09 28.41 -6.90
N LEU A 131 -4.94 28.64 -6.30
CA LEU A 131 -3.74 27.87 -6.65
C LEU A 131 -3.85 26.36 -6.33
N LYS A 132 -4.27 26.02 -5.11
CA LYS A 132 -4.56 24.60 -4.79
C LYS A 132 -5.54 23.97 -5.82
N LYS A 133 -6.65 24.65 -6.08
CA LYS A 133 -7.66 24.21 -7.10
C LYS A 133 -7.00 24.03 -8.47
N GLY A 134 -6.14 24.95 -8.88
CA GLY A 134 -5.54 24.93 -10.23
C GLY A 134 -4.58 23.77 -10.42
N LYS A 135 -3.67 23.65 -9.46
CA LYS A 135 -2.80 22.48 -9.36
C LYS A 135 -3.63 21.14 -9.32
N ALA A 136 -4.70 21.11 -8.55
CA ALA A 136 -5.59 19.91 -8.46
C ALA A 136 -6.29 19.58 -9.78
N LYS A 137 -6.73 20.60 -10.49
CA LYS A 137 -7.36 20.41 -11.80
C LYS A 137 -6.39 19.74 -12.76
N GLY A 138 -5.16 20.21 -12.75
CA GLY A 138 -4.10 19.65 -13.59
C GLY A 138 -3.67 18.23 -13.28
N GLU A 139 -3.76 17.85 -12.01
CA GLU A 139 -3.49 16.47 -11.59
C GLU A 139 -4.56 15.53 -12.10
N GLY A 140 -5.80 15.95 -11.90
CA GLY A 140 -6.99 15.17 -12.33
C GLY A 140 -7.07 14.95 -13.82
N LEU A 141 -6.58 15.94 -14.57
CA LEU A 141 -6.44 15.82 -16.00
C LEU A 141 -5.52 14.66 -16.31
N PHE A 142 -4.32 14.79 -15.78
CA PHE A 142 -3.28 13.76 -16.00
C PHE A 142 -3.71 12.34 -15.57
N ARG A 143 -4.37 12.25 -14.44
CA ARG A 143 -4.81 10.97 -13.91
C ARG A 143 -5.91 10.36 -14.74
N ALA A 144 -6.70 11.21 -15.35
CA ALA A 144 -7.77 10.77 -16.22
C ALA A 144 -7.22 10.17 -17.49
N ILE A 145 -6.22 10.83 -18.06
CA ILE A 145 -5.60 10.35 -19.31
C ILE A 145 -4.88 9.02 -19.02
N GLU A 146 -4.12 9.03 -17.94
CA GLU A 146 -3.38 7.84 -17.50
C GLU A 146 -4.34 6.69 -17.25
N GLY A 147 -5.37 6.97 -16.47
CA GLY A 147 -6.40 5.95 -16.19
C GLY A 147 -7.04 5.32 -17.42
N TYR A 148 -7.45 6.19 -18.32
CA TYR A 148 -8.01 5.76 -19.60
C TYR A 148 -7.06 4.84 -20.36
N VAL A 149 -5.81 5.24 -20.47
CA VAL A 149 -4.78 4.41 -21.14
C VAL A 149 -4.59 3.05 -20.48
N LEU A 150 -4.50 3.03 -19.16
CA LEU A 150 -4.27 1.78 -18.45
C LEU A 150 -5.50 0.84 -18.53
N ALA A 151 -6.68 1.44 -18.50
CA ALA A 151 -7.92 0.69 -18.65
C ALA A 151 -8.22 0.28 -20.09
N ASN A 152 -7.60 0.87 -21.07
CA ASN A 152 -7.85 0.55 -22.51
C ASN A 152 -6.52 0.32 -23.27
N PRO A 153 -5.81 -0.79 -22.99
CA PRO A 153 -4.42 -0.91 -23.44
C PRO A 153 -4.25 -1.07 -24.94
N THR A 154 -5.22 -1.69 -25.58
CA THR A 154 -5.15 -1.92 -27.01
C THR A 154 -5.49 -0.65 -27.78
N GLN A 155 -6.09 0.31 -27.10
CA GLN A 155 -6.47 1.56 -27.73
C GLN A 155 -5.29 2.33 -28.29
N TYR A 156 -4.19 2.31 -27.57
CA TYR A 156 -2.97 3.05 -27.98
C TYR A 156 -1.80 2.12 -28.20
N GLY B 1 -13.52 -30.33 -17.05
CA GLY B 1 -12.47 -30.18 -16.00
C GLY B 1 -12.44 -28.74 -15.52
N VAL B 2 -11.54 -28.45 -14.58
CA VAL B 2 -11.35 -27.12 -14.07
C VAL B 2 -9.88 -26.75 -14.14
N PHE B 3 -9.60 -25.60 -14.72
CA PHE B 3 -8.25 -25.11 -14.91
C PHE B 3 -8.16 -23.75 -14.21
N THR B 4 -7.12 -23.55 -13.41
CA THR B 4 -7.11 -22.50 -12.40
C THR B 4 -5.84 -21.72 -12.52
N PHE B 5 -6.02 -20.41 -12.69
CA PHE B 5 -4.91 -19.48 -12.97
C PHE B 5 -4.95 -18.36 -11.96
N GLU B 6 -3.79 -17.81 -11.62
CA GLU B 6 -3.71 -16.70 -10.65
C GLU B 6 -2.85 -15.60 -11.20
N ASP B 7 -3.36 -14.41 -11.10
CA ASP B 7 -2.72 -13.24 -11.62
C ASP B 7 -2.75 -12.23 -10.49
N GLU B 8 -1.86 -11.26 -10.58
CA GLU B 8 -1.70 -10.29 -9.53
C GLU B 8 -1.39 -8.93 -10.15
N ILE B 9 -1.88 -7.87 -9.49
CA ILE B 9 -1.68 -6.52 -9.99
C ILE B 9 -1.58 -5.54 -8.84
N THR B 10 -0.69 -4.58 -8.96
CA THR B 10 -0.51 -3.55 -7.93
C THR B 10 -1.16 -2.21 -8.27
N SER B 11 -1.53 -1.51 -7.20
CA SER B 11 -2.01 -0.11 -7.29
C SER B 11 -1.36 0.73 -6.20
N THR B 12 -1.27 2.06 -6.41
CA THR B 12 -0.90 3.01 -5.31
C THR B 12 -2.07 3.23 -4.32
N VAL B 13 -3.29 3.05 -4.79
CA VAL B 13 -4.53 3.24 -4.01
C VAL B 13 -4.73 2.18 -2.90
N PRO B 14 -5.07 2.63 -1.67
CA PRO B 14 -5.32 1.60 -0.66
C PRO B 14 -6.59 0.76 -0.89
N PRO B 15 -6.58 -0.51 -0.44
CA PRO B 15 -7.65 -1.48 -0.69
C PRO B 15 -9.07 -1.05 -0.28
N ALA B 16 -9.23 -0.43 0.88
CA ALA B 16 -10.60 -0.02 1.32
C ALA B 16 -11.26 0.87 0.26
N LYS B 17 -10.51 1.87 -0.15
CA LYS B 17 -10.91 2.86 -1.17
C LYS B 17 -11.15 2.19 -2.50
N LEU B 18 -10.23 1.36 -2.90
CA LEU B 18 -10.33 0.67 -4.15
C LEU B 18 -11.53 -0.25 -4.11
N TYR B 19 -11.78 -0.86 -2.96
CA TYR B 19 -12.92 -1.79 -2.85
C TYR B 19 -14.30 -1.12 -2.82
N ASN B 20 -14.38 0.07 -2.25
CA ASN B 20 -15.61 0.86 -2.41
C ASN B 20 -15.90 1.16 -3.86
N ALA B 21 -14.86 1.46 -4.58
CA ALA B 21 -15.00 1.68 -6.00
C ALA B 21 -15.37 0.41 -6.74
N MET B 22 -14.83 -0.71 -6.32
CA MET B 22 -15.21 -1.95 -6.99
C MET B 22 -16.77 -2.12 -6.92
N LYS B 23 -17.32 -1.85 -5.74
CA LYS B 23 -18.76 -1.93 -5.53
C LYS B 23 -19.60 -1.18 -6.58
N ASP B 24 -19.08 -0.04 -7.05
CA ASP B 24 -19.72 0.73 -8.11
C ASP B 24 -19.22 0.36 -9.50
N ALA B 25 -18.70 -0.83 -9.69
CA ALA B 25 -18.12 -1.17 -10.99
C ALA B 25 -19.12 -1.15 -12.15
N ASP B 26 -20.38 -1.49 -11.84
CA ASP B 26 -21.43 -1.48 -12.88
C ASP B 26 -21.66 -0.06 -13.46
N SER B 27 -21.44 0.95 -12.63
CA SER B 27 -21.59 2.34 -13.08
C SER B 27 -20.29 2.93 -13.62
N ILE B 28 -19.16 2.38 -13.18
CA ILE B 28 -17.83 2.92 -13.51
C ILE B 28 -17.37 2.41 -14.83
N THR B 29 -17.38 1.10 -14.94
CA THR B 29 -16.77 0.42 -16.10
C THR B 29 -17.28 0.89 -17.49
N PRO B 30 -18.59 1.21 -17.63
CA PRO B 30 -19.05 1.71 -18.94
C PRO B 30 -18.53 3.08 -19.33
N LYS B 31 -18.19 3.86 -18.32
CA LYS B 31 -17.58 5.18 -18.50
C LYS B 31 -16.13 5.13 -19.02
N ILE B 32 -15.34 4.36 -18.33
CA ILE B 32 -13.91 4.40 -18.53
C ILE B 32 -13.46 3.38 -19.58
N ILE B 33 -13.98 2.16 -19.51
CA ILE B 33 -13.73 1.13 -20.57
C ILE B 33 -14.59 1.40 -21.79
N ASP B 34 -13.91 1.47 -22.91
CA ASP B 34 -14.53 2.03 -24.11
C ASP B 34 -15.53 1.07 -24.72
N ASP B 35 -15.11 -0.18 -24.88
CA ASP B 35 -15.96 -1.32 -25.35
C ASP B 35 -17.25 -1.51 -24.55
N VAL B 36 -17.14 -1.37 -23.23
CA VAL B 36 -18.31 -1.47 -22.36
C VAL B 36 -19.26 -0.24 -22.47
N LYS B 37 -20.53 -0.54 -22.71
CA LYS B 37 -21.60 0.45 -22.90
C LYS B 37 -22.59 0.51 -21.76
N SER B 38 -22.92 -0.63 -21.20
CA SER B 38 -23.71 -0.63 -19.97
C SER B 38 -23.66 -1.96 -19.26
N VAL B 39 -24.19 -1.95 -18.03
CA VAL B 39 -24.23 -3.11 -17.14
C VAL B 39 -25.59 -3.12 -16.45
N GLU B 40 -26.47 -4.04 -16.82
CA GLU B 40 -27.83 -4.05 -16.28
C GLU B 40 -28.10 -5.25 -15.38
N ILE B 41 -28.65 -5.03 -14.20
CA ILE B 41 -29.16 -6.15 -13.40
C ILE B 41 -30.43 -6.68 -14.07
N VAL B 42 -30.38 -7.91 -14.50
CA VAL B 42 -31.48 -8.62 -15.18
C VAL B 42 -32.36 -9.38 -14.19
N GLU B 43 -31.74 -10.05 -13.25
CA GLU B 43 -32.44 -10.78 -12.19
C GLU B 43 -31.60 -10.68 -10.94
N GLY B 44 -32.23 -10.58 -9.78
CA GLY B 44 -31.53 -10.46 -8.51
C GLY B 44 -31.39 -9.03 -8.07
N ASN B 45 -30.89 -8.87 -6.85
CA ASN B 45 -30.60 -7.52 -6.22
C ASN B 45 -29.12 -7.03 -6.27
N GLY B 46 -28.29 -7.76 -7.01
CA GLY B 46 -26.82 -7.54 -6.99
C GLY B 46 -26.05 -8.39 -5.94
N GLY B 47 -26.79 -9.12 -5.15
CA GLY B 47 -26.22 -10.14 -4.26
C GLY B 47 -25.90 -11.43 -5.03
N PRO B 48 -25.31 -12.41 -4.32
CA PRO B 48 -25.19 -13.75 -4.90
C PRO B 48 -26.45 -14.28 -5.57
N GLY B 49 -26.25 -14.82 -6.77
CA GLY B 49 -27.33 -15.27 -7.62
C GLY B 49 -27.73 -14.27 -8.68
N THR B 50 -27.43 -13.01 -8.45
CA THR B 50 -27.72 -11.98 -9.44
C THR B 50 -27.17 -12.30 -10.83
N ILE B 51 -27.93 -11.95 -11.85
CA ILE B 51 -27.47 -12.04 -13.27
C ILE B 51 -27.41 -10.64 -13.85
N LYS B 52 -26.29 -10.31 -14.47
CA LYS B 52 -26.04 -8.99 -15.07
C LYS B 52 -25.79 -9.15 -16.53
N LYS B 53 -26.37 -8.24 -17.29
CA LYS B 53 -26.14 -8.17 -18.72
C LYS B 53 -25.20 -6.99 -19.01
N LEU B 54 -24.02 -7.34 -19.48
CA LEU B 54 -23.09 -6.36 -20.04
C LEU B 54 -23.27 -6.24 -21.52
N THR B 55 -23.14 -5.03 -22.03
CA THR B 55 -23.31 -4.73 -23.43
C THR B 55 -22.00 -4.18 -23.96
N ILE B 56 -21.37 -4.95 -24.82
CA ILE B 56 -20.05 -4.71 -25.32
C ILE B 56 -20.17 -4.30 -26.78
N VAL B 57 -19.14 -3.63 -27.27
CA VAL B 57 -18.95 -3.38 -28.70
C VAL B 57 -17.56 -3.89 -29.07
N GLU B 58 -17.55 -4.84 -29.97
CA GLU B 58 -16.32 -5.50 -30.36
C GLU B 58 -16.30 -5.35 -31.88
N ASP B 59 -15.46 -4.43 -32.37
CA ASP B 59 -15.35 -4.13 -33.83
C ASP B 59 -16.67 -3.65 -34.48
N GLY B 60 -17.28 -2.66 -33.84
CA GLY B 60 -18.56 -2.06 -34.24
C GLY B 60 -19.79 -2.95 -34.19
N GLU B 61 -19.64 -4.08 -33.50
CA GLU B 61 -20.72 -5.11 -33.39
C GLU B 61 -21.15 -5.14 -31.93
N THR B 62 -22.44 -4.96 -31.67
CA THR B 62 -22.98 -5.06 -30.32
C THR B 62 -23.05 -6.53 -29.91
N LYS B 63 -22.48 -6.86 -28.76
CA LYS B 63 -22.53 -8.21 -28.24
C LYS B 63 -22.90 -8.11 -26.73
N PHE B 64 -23.23 -9.24 -26.13
CA PHE B 64 -23.70 -9.29 -24.76
C PHE B 64 -22.88 -10.27 -24.00
N ILE B 65 -22.72 -10.01 -22.73
CA ILE B 65 -22.10 -10.97 -21.80
C ILE B 65 -23.02 -11.10 -20.63
N LEU B 66 -23.15 -12.31 -20.11
CA LEU B 66 -23.90 -12.53 -18.90
C LEU B 66 -23.00 -12.87 -17.72
N HIS B 67 -23.14 -12.16 -16.62
CA HIS B 67 -22.37 -12.48 -15.37
C HIS B 67 -23.32 -13.05 -14.39
N LYS B 68 -22.87 -14.03 -13.64
CA LYS B 68 -23.56 -14.39 -12.39
C LYS B 68 -22.71 -13.96 -11.20
N VAL B 69 -23.32 -13.31 -10.23
CA VAL B 69 -22.58 -12.98 -9.02
C VAL B 69 -22.52 -14.24 -8.19
N GLU B 70 -21.32 -14.62 -7.78
CA GLU B 70 -21.10 -15.86 -7.02
C GLU B 70 -21.04 -15.59 -5.53
N SER B 71 -20.19 -14.66 -5.13
CA SER B 71 -20.11 -14.29 -3.70
C SER B 71 -19.52 -12.92 -3.51
N ILE B 72 -19.72 -12.39 -2.30
CA ILE B 72 -19.20 -11.05 -1.94
C ILE B 72 -18.82 -11.05 -0.49
N ASP B 73 -17.52 -11.05 -0.22
CA ASP B 73 -17.03 -10.88 1.15
C ASP B 73 -16.42 -9.49 1.35
N GLU B 74 -17.23 -8.54 1.83
CA GLU B 74 -16.76 -7.14 2.00
C GLU B 74 -15.69 -6.97 3.10
N ALA B 75 -15.69 -7.90 4.06
CA ALA B 75 -14.64 -7.99 5.08
C ALA B 75 -13.26 -8.17 4.44
N ASN B 76 -13.18 -9.04 3.45
CA ASN B 76 -11.90 -9.34 2.73
C ASN B 76 -11.72 -8.69 1.37
N TYR B 77 -12.45 -7.60 1.17
CA TYR B 77 -12.44 -6.89 -0.12
C TYR B 77 -12.60 -7.85 -1.33
N ALA B 78 -13.45 -8.86 -1.16
CA ALA B 78 -13.63 -9.93 -2.16
C ALA B 78 -14.93 -9.85 -2.93
N TYR B 79 -14.86 -10.28 -4.16
CA TYR B 79 -15.97 -10.19 -5.11
C TYR B 79 -15.77 -11.18 -6.26
N ASN B 80 -16.68 -12.13 -6.33
CA ASN B 80 -16.53 -13.30 -7.18
C ASN B 80 -17.72 -13.35 -8.09
N TYR B 81 -17.44 -13.46 -9.37
CA TYR B 81 -18.50 -13.52 -10.39
C TYR B 81 -18.10 -14.51 -11.47
N SER B 82 -19.10 -15.05 -12.12
CA SER B 82 -18.90 -16.01 -13.24
C SER B 82 -19.43 -15.49 -14.59
N VAL B 83 -18.64 -15.65 -15.64
CA VAL B 83 -19.14 -15.46 -17.02
C VAL B 83 -19.90 -16.71 -17.37
N VAL B 84 -21.20 -16.56 -17.58
CA VAL B 84 -22.11 -17.68 -17.87
C VAL B 84 -22.83 -17.63 -19.20
N GLY B 85 -22.63 -16.55 -19.92
CA GLY B 85 -23.24 -16.39 -21.23
C GLY B 85 -22.61 -15.31 -22.07
N GLY B 86 -22.98 -15.31 -23.33
CA GLY B 86 -22.50 -14.30 -24.26
C GLY B 86 -21.21 -14.66 -24.90
N VAL B 87 -20.61 -13.65 -25.51
CA VAL B 87 -19.34 -13.79 -26.24
C VAL B 87 -18.16 -14.18 -25.37
N ALA B 88 -18.07 -13.61 -24.19
CA ALA B 88 -16.95 -13.89 -23.29
C ALA B 88 -16.81 -15.35 -22.87
N LEU B 89 -17.74 -16.20 -23.30
CA LEU B 89 -17.72 -17.60 -22.96
C LEU B 89 -17.53 -18.44 -24.22
N PRO B 90 -16.40 -19.16 -24.32
CA PRO B 90 -16.21 -20.15 -25.41
C PRO B 90 -17.17 -21.33 -25.46
N PRO B 91 -17.33 -21.94 -26.64
CA PRO B 91 -18.29 -23.08 -26.74
C PRO B 91 -17.78 -24.36 -26.08
N THR B 92 -16.46 -24.46 -25.93
CA THR B 92 -15.79 -25.53 -25.13
C THR B 92 -16.01 -25.42 -23.61
N ALA B 93 -16.50 -24.25 -23.15
CA ALA B 93 -16.48 -23.88 -21.75
C ALA B 93 -17.86 -23.86 -21.13
N GLU B 94 -18.00 -24.54 -20.00
CA GLU B 94 -19.23 -24.48 -19.20
C GLU B 94 -19.43 -23.08 -18.56
N LYS B 95 -18.35 -22.61 -17.95
CA LYS B 95 -18.29 -21.24 -17.37
C LYS B 95 -16.88 -20.84 -16.99
N ILE B 96 -16.69 -19.57 -16.79
CA ILE B 96 -15.41 -18.99 -16.34
C ILE B 96 -15.67 -18.13 -15.11
N THR B 97 -14.94 -18.36 -14.03
CA THR B 97 -15.19 -17.70 -12.79
C THR B 97 -14.02 -16.80 -12.50
N PHE B 98 -14.35 -15.58 -12.12
CA PHE B 98 -13.39 -14.53 -11.71
C PHE B 98 -13.55 -14.35 -10.23
N GLU B 99 -12.54 -14.75 -9.45
CA GLU B 99 -12.58 -14.50 -8.00
C GLU B 99 -11.60 -13.38 -7.77
N THR B 100 -12.12 -12.26 -7.27
CA THR B 100 -11.29 -11.06 -6.96
C THR B 100 -11.16 -10.81 -5.47
N LYS B 101 -10.02 -10.22 -5.14
CA LYS B 101 -9.67 -9.97 -3.78
C LYS B 101 -8.57 -8.88 -3.78
N LEU B 102 -8.79 -7.85 -2.95
CA LEU B 102 -7.78 -6.82 -2.67
C LEU B 102 -7.16 -7.08 -1.35
N VAL B 103 -5.85 -6.93 -1.32
CA VAL B 103 -5.04 -6.99 -0.08
C VAL B 103 -4.01 -5.87 -0.01
N GLU B 104 -3.47 -5.64 1.17
CA GLU B 104 -2.61 -4.49 1.41
C GLU B 104 -1.28 -4.70 0.70
N GLY B 105 -0.84 -3.67 -0.01
CA GLY B 105 0.51 -3.64 -0.63
C GLY B 105 1.52 -3.09 0.37
N PRO B 106 2.82 -3.31 0.11
CA PRO B 106 3.83 -2.96 1.17
C PRO B 106 4.08 -1.46 1.41
N ASN B 107 3.58 -0.59 0.53
CA ASN B 107 3.72 0.90 0.69
C ASN B 107 2.43 1.65 1.09
N GLY B 108 1.46 0.90 1.61
CA GLY B 108 0.11 1.43 1.87
C GLY B 108 -0.76 1.50 0.63
N GLY B 109 -0.30 0.84 -0.43
CA GLY B 109 -1.04 0.72 -1.67
C GLY B 109 -1.87 -0.54 -1.57
N SER B 110 -2.05 -1.22 -2.70
CA SER B 110 -2.76 -2.51 -2.68
C SER B 110 -2.38 -3.45 -3.79
N ILE B 111 -2.79 -4.69 -3.58
CA ILE B 111 -2.51 -5.81 -4.51
C ILE B 111 -3.84 -6.50 -4.89
N GLY B 112 -4.15 -6.44 -6.16
CA GLY B 112 -5.27 -7.14 -6.72
C GLY B 112 -4.89 -8.58 -7.04
N LYS B 113 -5.68 -9.51 -6.50
CA LYS B 113 -5.46 -10.90 -6.71
C LYS B 113 -6.61 -11.50 -7.42
N LEU B 114 -6.36 -11.91 -8.64
CA LEU B 114 -7.35 -12.60 -9.49
C LEU B 114 -7.08 -14.07 -9.48
N THR B 115 -8.10 -14.86 -9.16
CA THR B 115 -8.07 -16.28 -9.38
C THR B 115 -9.10 -16.57 -10.46
N LEU B 116 -8.63 -16.98 -11.61
CA LEU B 116 -9.50 -17.34 -12.73
C LEU B 116 -9.73 -18.86 -12.84
N LYS B 117 -10.96 -19.32 -12.75
CA LYS B 117 -11.30 -20.76 -12.79
C LYS B 117 -12.12 -21.06 -14.00
N TYR B 118 -11.47 -21.67 -14.95
CA TYR B 118 -12.01 -21.91 -16.28
C TYR B 118 -12.59 -23.36 -16.28
N HIS B 119 -13.91 -23.44 -16.25
CA HIS B 119 -14.67 -24.70 -16.26
C HIS B 119 -14.94 -25.14 -17.68
N THR B 120 -14.39 -26.29 -18.04
CA THR B 120 -14.51 -26.86 -19.38
C THR B 120 -15.54 -27.99 -19.43
N LYS B 121 -16.06 -28.21 -20.63
CA LYS B 121 -17.00 -29.29 -20.93
C LYS B 121 -16.19 -30.52 -21.32
N GLY B 122 -16.39 -31.62 -20.62
CA GLY B 122 -15.65 -32.85 -20.89
C GLY B 122 -14.14 -32.72 -20.75
N ASP B 123 -13.42 -33.24 -21.75
CA ASP B 123 -11.94 -33.30 -21.77
C ASP B 123 -11.24 -32.10 -22.35
N ALA B 124 -12.00 -31.10 -22.75
CA ALA B 124 -11.41 -29.90 -23.36
C ALA B 124 -10.52 -29.14 -22.35
N LYS B 125 -9.42 -28.63 -22.88
CA LYS B 125 -8.52 -27.82 -22.11
C LYS B 125 -8.85 -26.43 -22.59
N PRO B 126 -8.51 -25.40 -21.79
CA PRO B 126 -8.77 -23.99 -22.18
C PRO B 126 -7.93 -23.55 -23.35
N ASP B 127 -8.52 -22.67 -24.15
CA ASP B 127 -7.78 -22.03 -25.25
C ASP B 127 -6.74 -21.01 -24.73
N GLU B 128 -5.47 -21.16 -25.12
CA GLU B 128 -4.40 -20.20 -24.70
C GLU B 128 -4.73 -18.70 -25.04
N GLU B 129 -5.42 -18.51 -26.15
CA GLU B 129 -5.90 -17.18 -26.58
C GLU B 129 -6.96 -16.65 -25.65
N GLU B 130 -7.90 -17.50 -25.31
CA GLU B 130 -9.01 -17.10 -24.41
C GLU B 130 -8.55 -16.79 -23.03
N LEU B 131 -7.51 -17.48 -22.62
CA LEU B 131 -6.86 -17.13 -21.41
C LEU B 131 -6.27 -15.68 -21.47
N LYS B 132 -5.56 -15.33 -22.53
CA LYS B 132 -5.08 -13.96 -22.74
C LYS B 132 -6.26 -12.99 -22.57
N LYS B 133 -7.35 -13.24 -23.27
CA LYS B 133 -8.53 -12.36 -23.20
C LYS B 133 -9.10 -12.23 -21.81
N GLY B 134 -9.15 -13.34 -21.11
CA GLY B 134 -9.77 -13.39 -19.79
C GLY B 134 -8.96 -12.65 -18.76
N LYS B 135 -7.67 -12.92 -18.75
CA LYS B 135 -6.74 -12.12 -17.97
C LYS B 135 -6.84 -10.64 -18.32
N ALA B 136 -6.91 -10.35 -19.60
CA ALA B 136 -6.96 -8.96 -20.03
C ALA B 136 -8.20 -8.24 -19.56
N LYS B 137 -9.31 -8.93 -19.60
CA LYS B 137 -10.56 -8.33 -19.12
C LYS B 137 -10.43 -7.96 -17.66
N GLY B 138 -9.86 -8.87 -16.88
CA GLY B 138 -9.63 -8.64 -15.47
C GLY B 138 -8.67 -7.51 -15.10
N GLU B 139 -7.64 -7.28 -15.92
CA GLU B 139 -6.74 -6.14 -15.73
C GLU B 139 -7.50 -4.85 -15.92
N GLY B 140 -8.24 -4.82 -17.03
CA GLY B 140 -8.97 -3.62 -17.48
C GLY B 140 -10.03 -3.23 -16.49
N LEU B 141 -10.58 -4.21 -15.82
CA LEU B 141 -11.50 -3.98 -14.73
C LEU B 141 -10.81 -3.24 -13.63
N PHE B 142 -9.76 -3.85 -13.13
CA PHE B 142 -8.92 -3.26 -12.06
C PHE B 142 -8.38 -1.85 -12.38
N ARG B 143 -7.92 -1.68 -13.62
CA ARG B 143 -7.38 -0.39 -14.05
C ARG B 143 -8.47 0.68 -14.13
N ALA B 144 -9.66 0.24 -14.46
CA ALA B 144 -10.79 1.13 -14.59
C ALA B 144 -11.23 1.67 -13.25
N ILE B 145 -11.27 0.80 -12.27
CA ILE B 145 -11.61 1.19 -10.90
C ILE B 145 -10.51 2.11 -10.31
N GLU B 146 -9.27 1.69 -10.47
CA GLU B 146 -8.13 2.47 -10.04
C GLU B 146 -8.13 3.88 -10.70
N GLY B 147 -8.25 3.89 -12.02
CA GLY B 147 -8.28 5.14 -12.77
C GLY B 147 -9.35 6.09 -12.29
N TYR B 148 -10.56 5.57 -12.17
CA TYR B 148 -11.73 6.33 -11.64
C TYR B 148 -11.41 6.95 -10.29
N VAL B 149 -10.87 6.15 -9.37
CA VAL B 149 -10.45 6.65 -8.01
C VAL B 149 -9.39 7.77 -8.05
N LEU B 150 -8.36 7.58 -8.86
CA LEU B 150 -7.29 8.56 -8.95
C LEU B 150 -7.77 9.85 -9.60
N ALA B 151 -8.62 9.70 -10.60
CA ALA B 151 -9.17 10.84 -11.32
C ALA B 151 -10.26 11.59 -10.51
N ASN B 152 -10.83 10.96 -9.50
CA ASN B 152 -11.90 11.56 -8.68
C ASN B 152 -11.60 11.42 -7.17
N PRO B 153 -10.56 12.11 -6.66
CA PRO B 153 -10.04 11.79 -5.34
C PRO B 153 -10.99 12.06 -4.19
N THR B 154 -11.84 13.06 -4.38
CA THR B 154 -12.82 13.46 -3.40
C THR B 154 -13.98 12.51 -3.27
N GLN B 155 -14.25 11.75 -4.31
CA GLN B 155 -15.40 10.82 -4.28
C GLN B 155 -15.22 9.62 -3.34
N TYR B 156 -13.99 9.23 -3.11
CA TYR B 156 -13.73 8.11 -2.20
C TYR B 156 -12.88 8.51 -1.01
N GLY C 1 16.34 29.65 18.64
CA GLY C 1 17.72 29.11 18.56
C GLY C 1 17.66 27.70 18.04
N VAL C 2 18.82 27.10 17.85
CA VAL C 2 18.92 25.74 17.39
C VAL C 2 19.78 24.97 18.35
N PHE C 3 19.25 23.83 18.79
CA PHE C 3 19.94 22.99 19.74
C PHE C 3 20.11 21.64 19.08
N THR C 4 21.33 21.12 19.15
CA THR C 4 21.75 20.00 18.32
C THR C 4 22.32 18.87 19.17
N PHE C 5 21.72 17.69 18.98
CA PHE C 5 22.02 16.48 19.76
C PHE C 5 22.33 15.32 18.81
N GLU C 6 23.19 14.40 19.25
CA GLU C 6 23.54 13.25 18.45
C GLU C 6 23.40 12.02 19.27
N ASP C 7 22.87 10.99 18.64
CA ASP C 7 22.82 9.66 19.22
C ASP C 7 23.25 8.63 18.14
N GLU C 8 23.65 7.44 18.61
CA GLU C 8 24.02 6.31 17.72
C GLU C 8 23.37 5.07 18.26
N ILE C 9 23.02 4.17 17.35
CA ILE C 9 22.37 2.90 17.72
C ILE C 9 22.91 1.79 16.83
N THR C 10 23.15 0.63 17.42
CA THR C 10 23.63 -0.53 16.65
C THR C 10 22.54 -1.55 16.34
N SER C 11 22.75 -2.25 15.24
CA SER C 11 21.93 -3.40 14.83
C SER C 11 22.82 -4.51 14.29
N THR C 12 22.35 -5.75 14.37
CA THR C 12 23.02 -6.89 13.70
C THR C 12 22.79 -6.87 12.20
N VAL C 13 21.69 -6.26 11.77
CA VAL C 13 21.27 -6.20 10.35
C VAL C 13 22.16 -5.27 9.49
N PRO C 14 22.58 -5.72 8.28
CA PRO C 14 23.38 -4.81 7.47
C PRO C 14 22.61 -3.64 6.91
N PRO C 15 23.29 -2.50 6.68
CA PRO C 15 22.65 -1.20 6.34
C PRO C 15 21.78 -1.19 5.08
N ALA C 16 22.22 -1.87 4.02
CA ALA C 16 21.41 -1.92 2.75
C ALA C 16 20.00 -2.45 3.02
N LYS C 17 19.94 -3.61 3.67
CA LYS C 17 18.65 -4.25 4.07
C LYS C 17 17.86 -3.38 5.03
N LEU C 18 18.54 -2.88 6.04
CA LEU C 18 17.88 -2.02 7.02
C LEU C 18 17.32 -0.78 6.33
N TYR C 19 18.06 -0.25 5.37
CA TYR C 19 17.64 0.95 4.67
C TYR C 19 16.48 0.69 3.72
N ASN C 20 16.44 -0.48 3.07
CA ASN C 20 15.25 -0.83 2.26
C ASN C 20 14.00 -0.90 3.15
N ALA C 21 14.18 -1.42 4.34
CA ALA C 21 13.10 -1.44 5.31
C ALA C 21 12.73 -0.03 5.80
N MET C 22 13.70 0.85 5.99
CA MET C 22 13.39 2.23 6.37
C MET C 22 12.42 2.82 5.31
N LYS C 23 12.72 2.59 4.04
CA LYS C 23 11.88 3.05 2.89
C LYS C 23 10.39 2.67 3.03
N ASP C 24 10.11 1.52 3.61
CA ASP C 24 8.74 1.09 3.90
C ASP C 24 8.28 1.44 5.32
N ALA C 25 8.90 2.42 5.97
CA ALA C 25 8.56 2.74 7.39
C ALA C 25 7.11 3.15 7.57
N ASP C 26 6.55 3.81 6.55
CA ASP C 26 5.15 4.23 6.56
C ASP C 26 4.17 3.04 6.67
N SER C 27 4.54 1.91 6.10
CA SER C 27 3.72 0.68 6.18
C SER C 27 4.10 -0.23 7.35
N ILE C 28 5.35 -0.15 7.80
CA ILE C 28 5.87 -1.01 8.88
C ILE C 28 5.47 -0.50 10.23
N THR C 29 5.81 0.77 10.48
CA THR C 29 5.66 1.42 11.78
C THR C 29 4.25 1.21 12.41
N PRO C 30 3.16 1.28 11.61
CA PRO C 30 1.84 1.16 12.23
C PRO C 30 1.53 -0.23 12.74
N LYS C 31 2.19 -1.20 12.14
CA LYS C 31 1.99 -2.62 12.48
C LYS C 31 2.69 -2.98 13.81
N ILE C 32 3.95 -2.61 13.90
CA ILE C 32 4.81 -2.99 15.02
C ILE C 32 4.62 -2.05 16.21
N ILE C 33 4.73 -0.73 15.96
CA ILE C 33 4.51 0.26 17.04
C ILE C 33 3.02 0.39 17.36
N ASP C 34 2.70 0.32 18.64
CA ASP C 34 1.29 0.16 19.02
C ASP C 34 0.45 1.45 18.85
N ASP C 35 0.95 2.53 19.44
CA ASP C 35 0.38 3.88 19.35
C ASP C 35 0.10 4.31 17.91
N VAL C 36 1.01 4.00 17.01
CA VAL C 36 0.88 4.39 15.58
C VAL C 36 -0.13 3.54 14.87
N LYS C 37 -1.05 4.23 14.22
CA LYS C 37 -2.20 3.63 13.53
C LYS C 37 -2.12 3.71 12.00
N SER C 38 -1.63 4.82 11.50
CA SER C 38 -1.34 4.96 10.07
C SER C 38 -0.45 6.15 9.76
N VAL C 39 0.02 6.18 8.52
CA VAL C 39 0.94 7.17 8.02
C VAL C 39 0.52 7.51 6.60
N GLU C 40 -0.04 8.68 6.42
CA GLU C 40 -0.62 9.06 5.11
C GLU C 40 0.15 10.19 4.43
N ILE C 41 0.49 10.03 3.15
CA ILE C 41 1.03 11.16 2.36
C ILE C 41 -0.12 12.15 2.11
N VAL C 42 -0.01 13.35 2.66
CA VAL C 42 -1.02 14.40 2.52
C VAL C 42 -0.74 15.29 1.31
N GLU C 43 0.51 15.61 1.11
CA GLU C 43 0.94 16.42 -0.02
C GLU C 43 2.31 15.94 -0.40
N GLY C 44 2.59 15.91 -1.68
CA GLY C 44 3.89 15.46 -2.17
C GLY C 44 3.86 14.03 -2.65
N ASN C 45 4.93 13.65 -3.32
CA ASN C 45 5.12 12.29 -3.89
C ASN C 45 5.99 11.38 -3.03
N GLY C 46 6.28 11.82 -1.81
CA GLY C 46 7.19 11.11 -0.87
C GLY C 46 8.65 11.58 -0.99
N GLY C 47 8.88 12.47 -1.95
CA GLY C 47 10.16 13.11 -2.12
C GLY C 47 10.26 14.28 -1.13
N PRO C 48 11.39 14.99 -1.11
CA PRO C 48 11.54 16.20 -0.30
C PRO C 48 10.46 17.22 -0.57
N GLY C 49 9.93 17.78 0.51
CA GLY C 49 8.77 18.67 0.45
C GLY C 49 7.47 17.97 0.84
N THR C 50 7.49 16.64 0.81
CA THR C 50 6.35 15.83 1.20
C THR C 50 5.94 16.10 2.64
N ILE C 51 4.64 16.10 2.87
CA ILE C 51 4.07 16.18 4.22
C ILE C 51 3.33 14.88 4.46
N LYS C 52 3.62 14.28 5.61
CA LYS C 52 2.96 13.01 6.06
C LYS C 52 2.19 13.24 7.34
N LYS C 53 0.99 12.66 7.38
CA LYS C 53 0.18 12.69 8.59
C LYS C 53 0.23 11.34 9.28
N LEU C 54 0.84 11.34 10.45
CA LEU C 54 0.83 10.19 11.33
C LEU C 54 -0.35 10.31 12.23
N THR C 55 -1.04 9.19 12.42
CA THR C 55 -2.21 9.14 13.27
C THR C 55 -1.87 8.23 14.42
N ILE C 56 -1.94 8.75 15.62
CA ILE C 56 -1.51 8.03 16.78
C ILE C 56 -2.57 8.06 17.86
N VAL C 57 -2.38 7.22 18.85
CA VAL C 57 -3.26 7.18 20.02
C VAL C 57 -2.49 7.34 21.32
N GLU C 58 -2.92 8.31 22.12
CA GLU C 58 -2.32 8.67 23.39
C GLU C 58 -3.50 8.81 24.38
N ASP C 59 -3.64 7.85 25.30
CA ASP C 59 -4.76 7.81 26.29
C ASP C 59 -6.16 7.74 25.62
N GLY C 60 -6.27 6.82 24.65
CA GLY C 60 -7.52 6.56 23.90
C GLY C 60 -8.01 7.71 23.05
N GLU C 61 -7.13 8.67 22.84
CA GLU C 61 -7.40 9.90 22.15
C GLU C 61 -6.56 9.82 20.89
N THR C 62 -7.19 10.04 19.76
CA THR C 62 -6.50 10.12 18.48
C THR C 62 -5.84 11.52 18.28
N LYS C 63 -4.54 11.50 18.05
CA LYS C 63 -3.73 12.69 17.80
C LYS C 63 -3.08 12.56 16.45
N PHE C 64 -2.58 13.67 15.94
CA PHE C 64 -1.89 13.71 14.64
C PHE C 64 -0.48 14.23 14.82
N ILE C 65 0.43 13.79 13.96
CA ILE C 65 1.77 14.37 13.87
C ILE C 65 2.02 14.62 12.43
N LEU C 66 2.64 15.76 12.14
CA LEU C 66 2.95 16.12 10.76
C LEU C 66 4.44 16.03 10.52
N HIS C 67 4.86 15.24 9.54
CA HIS C 67 6.29 15.17 9.16
C HIS C 67 6.49 15.91 7.86
N LYS C 68 7.57 16.67 7.76
CA LYS C 68 8.05 17.17 6.45
C LYS C 68 9.27 16.36 6.06
N VAL C 69 9.28 15.80 4.87
CA VAL C 69 10.48 15.14 4.37
C VAL C 69 11.44 16.24 3.96
N GLU C 70 12.65 16.22 4.51
CA GLU C 70 13.65 17.26 4.24
C GLU C 70 14.59 16.84 3.11
N SER C 71 15.15 15.65 3.22
CA SER C 71 16.05 15.13 2.16
C SER C 71 16.16 13.63 2.21
N ILE C 72 16.64 13.06 1.11
CA ILE C 72 16.84 11.59 0.99
C ILE C 72 18.08 11.32 0.13
N ASP C 73 19.15 10.86 0.74
CA ASP C 73 20.32 10.38 0.00
C ASP C 73 20.42 8.85 0.08
N GLU C 74 19.86 8.16 -0.91
CA GLU C 74 19.85 6.67 -0.92
C GLU C 74 21.24 6.02 -1.07
N ALA C 75 22.16 6.78 -1.67
CA ALA C 75 23.59 6.41 -1.72
C ALA C 75 24.18 6.21 -0.31
N ASN C 76 23.87 7.13 0.59
CA ASN C 76 24.39 7.09 1.98
C ASN C 76 23.41 6.58 3.02
N TYR C 77 22.43 5.84 2.57
CA TYR C 77 21.36 5.31 3.45
C TYR C 77 20.77 6.41 4.37
N ALA C 78 20.63 7.61 3.84
CA ALA C 78 20.23 8.79 4.63
C ALA C 78 18.79 9.18 4.37
N TYR C 79 18.19 9.71 5.42
CA TYR C 79 16.81 10.13 5.39
C TYR C 79 16.58 11.15 6.50
N ASN C 80 16.18 12.34 6.08
CA ASN C 80 16.00 13.49 6.96
C ASN C 80 14.57 13.97 6.89
N TYR C 81 13.98 14.15 8.05
CA TYR C 81 12.62 14.61 8.14
C TYR C 81 12.46 15.53 9.33
N SER C 82 11.45 16.37 9.26
CA SER C 82 11.13 17.31 10.36
C SER C 82 9.74 17.10 10.94
N VAL C 83 9.64 17.10 12.26
CA VAL C 83 8.36 17.19 12.92
C VAL C 83 7.94 18.67 12.85
N VAL C 84 6.88 18.95 12.10
CA VAL C 84 6.41 20.35 11.91
C VAL C 84 5.03 20.65 12.45
N GLY C 85 4.35 19.63 12.93
CA GLY C 85 3.02 19.80 13.45
C GLY C 85 2.57 18.67 14.34
N GLY C 86 1.48 18.92 15.04
CA GLY C 86 0.88 17.91 15.88
C GLY C 86 1.47 17.89 17.28
N VAL C 87 1.11 16.83 18.00
CA VAL C 87 1.48 16.65 19.41
C VAL C 87 2.98 16.54 19.61
N ALA C 88 3.65 15.84 18.72
CA ALA C 88 5.13 15.66 18.81
C ALA C 88 5.97 16.95 18.81
N LEU C 89 5.32 18.08 18.63
CA LEU C 89 5.97 19.38 18.57
C LEU C 89 5.52 20.24 19.75
N PRO C 90 6.45 20.59 20.67
CA PRO C 90 6.13 21.49 21.78
C PRO C 90 5.72 22.89 21.35
N PRO C 91 4.95 23.60 22.20
CA PRO C 91 4.55 24.97 21.82
C PRO C 91 5.72 25.98 21.82
N THR C 92 6.78 25.67 22.56
CA THR C 92 8.07 26.43 22.53
C THR C 92 8.89 26.28 21.25
N ALA C 93 8.61 25.23 20.47
CA ALA C 93 9.46 24.85 19.34
C ALA C 93 8.85 25.08 17.98
N GLU C 94 9.60 25.74 17.12
CA GLU C 94 9.19 25.96 15.74
C GLU C 94 9.13 24.62 15.01
N LYS C 95 10.19 23.83 15.17
CA LYS C 95 10.27 22.49 14.60
C LYS C 95 11.42 21.66 15.15
N ILE C 96 11.32 20.37 14.93
CA ILE C 96 12.34 19.40 15.34
C ILE C 96 12.71 18.61 14.11
N THR C 97 13.99 18.56 13.82
CA THR C 97 14.48 17.82 12.65
C THR C 97 15.24 16.56 13.06
N PHE C 98 14.92 15.47 12.39
CA PHE C 98 15.57 14.18 12.57
C PHE C 98 16.38 13.92 11.30
N GLU C 99 17.70 13.91 11.44
CA GLU C 99 18.58 13.55 10.31
C GLU C 99 19.14 12.19 10.61
N THR C 100 18.79 11.23 9.75
CA THR C 100 19.21 9.81 9.90
C THR C 100 20.21 9.39 8.83
N LYS C 101 21.06 8.47 9.20
CA LYS C 101 22.05 7.84 8.30
C LYS C 101 22.42 6.46 8.89
N LEU C 102 22.41 5.45 8.03
CA LEU C 102 22.94 4.13 8.35
C LEU C 102 24.31 4.01 7.77
N VAL C 103 25.21 3.46 8.56
CA VAL C 103 26.61 3.12 8.13
C VAL C 103 26.99 1.74 8.61
N GLU C 104 28.02 1.18 8.00
CA GLU C 104 28.43 -0.18 8.32
C GLU C 104 29.04 -0.30 9.70
N GLY C 105 28.59 -1.31 10.43
CA GLY C 105 29.11 -1.65 11.75
C GLY C 105 30.31 -2.59 11.57
N PRO C 106 31.15 -2.75 12.62
CA PRO C 106 32.40 -3.52 12.45
C PRO C 106 32.25 -5.04 12.29
N ASN C 107 31.07 -5.58 12.57
CA ASN C 107 30.79 -7.05 12.39
C ASN C 107 29.88 -7.42 11.20
N GLY C 108 29.77 -6.50 10.24
CA GLY C 108 28.83 -6.64 9.10
C GLY C 108 27.40 -6.28 9.47
N GLY C 109 27.25 -5.65 10.63
CA GLY C 109 25.97 -5.17 11.09
C GLY C 109 25.80 -3.76 10.60
N SER C 110 25.15 -2.92 11.40
CA SER C 110 25.09 -1.49 11.08
C SER C 110 24.96 -0.55 12.28
N ILE C 111 25.19 0.70 12.00
CA ILE C 111 25.14 1.79 12.98
C ILE C 111 24.20 2.89 12.50
N GLY C 112 23.13 3.07 13.25
CA GLY C 112 22.21 4.18 13.02
C GLY C 112 22.75 5.44 13.68
N LYS C 113 22.84 6.49 12.87
CA LYS C 113 23.32 7.79 13.34
C LYS C 113 22.21 8.82 13.26
N LEU C 114 21.73 9.26 14.42
CA LEU C 114 20.72 10.30 14.53
C LEU C 114 21.37 11.62 14.89
N THR C 115 21.06 12.64 14.12
CA THR C 115 21.30 14.03 14.51
C THR C 115 19.95 14.73 14.67
N LEU C 116 19.65 15.10 15.90
CA LEU C 116 18.41 15.78 16.23
C LEU C 116 18.64 17.29 16.37
N LYS C 117 17.96 18.07 15.55
CA LYS C 117 18.06 19.54 15.60
C LYS C 117 16.74 20.13 16.04
N TYR C 118 16.74 20.62 17.26
CA TYR C 118 15.54 21.15 17.92
C TYR C 118 15.48 22.70 17.75
N HIS C 119 14.59 23.17 16.88
CA HIS C 119 14.45 24.60 16.57
C HIS C 119 13.43 25.24 17.48
N THR C 120 13.89 26.21 18.24
CA THR C 120 13.08 26.90 19.26
C THR C 120 12.67 28.27 18.77
N LYS C 121 11.58 28.75 19.35
CA LYS C 121 11.09 30.11 19.05
C LYS C 121 11.72 31.07 20.05
N GLY C 122 12.34 32.12 19.53
CA GLY C 122 13.04 33.11 20.37
C GLY C 122 14.17 32.51 21.20
N ASP C 123 14.20 32.86 22.48
CA ASP C 123 15.26 32.42 23.42
C ASP C 123 14.96 31.18 24.23
N ALA C 124 13.86 30.51 23.92
CA ALA C 124 13.50 29.27 24.63
C ALA C 124 14.59 28.21 24.40
N LYS C 125 14.88 27.46 25.46
CA LYS C 125 15.75 26.32 25.35
C LYS C 125 14.80 25.11 25.30
N PRO C 126 15.27 23.95 24.77
CA PRO C 126 14.44 22.75 24.68
C PRO C 126 14.12 22.21 26.04
N ASP C 127 12.95 21.60 26.15
CA ASP C 127 12.56 20.90 27.38
C ASP C 127 13.32 19.58 27.56
N GLU C 128 13.99 19.41 28.70
CA GLU C 128 14.76 18.15 28.93
C GLU C 128 13.88 16.87 28.80
N GLU C 129 12.62 17.00 29.19
CA GLU C 129 11.62 15.90 29.08
C GLU C 129 11.26 15.59 27.62
N GLU C 130 10.96 16.61 26.84
CA GLU C 130 10.64 16.42 25.42
C GLU C 130 11.85 15.98 24.57
N LEU C 131 13.04 16.27 25.07
CA LEU C 131 14.25 15.64 24.55
C LEU C 131 14.24 14.11 24.76
N LYS C 132 13.97 13.65 25.97
CA LYS C 132 13.86 12.19 26.23
C LYS C 132 12.86 11.58 25.25
N LYS C 133 11.68 12.18 25.13
CA LYS C 133 10.63 11.73 24.19
C LYS C 133 11.15 11.67 22.74
N GLY C 134 11.89 12.68 22.32
CA GLY C 134 12.39 12.78 20.93
C GLY C 134 13.41 11.73 20.59
N LYS C 135 14.43 11.64 21.46
CA LYS C 135 15.42 10.54 21.41
C LYS C 135 14.67 9.12 21.47
N ALA C 136 13.67 8.97 22.34
CA ALA C 136 12.92 7.72 22.43
C ALA C 136 12.12 7.37 21.16
N LYS C 137 11.51 8.36 20.55
CA LYS C 137 10.77 8.13 19.30
C LYS C 137 11.70 7.59 18.24
N GLY C 138 12.86 8.20 18.13
CA GLY C 138 13.87 7.81 17.14
C GLY C 138 14.43 6.41 17.35
N GLU C 139 14.55 6.00 18.61
CA GLU C 139 14.99 4.64 18.95
C GLU C 139 13.93 3.63 18.55
N GLY C 140 12.68 3.95 18.87
CA GLY C 140 11.52 3.09 18.56
C GLY C 140 11.29 2.89 17.08
N LEU C 141 11.56 3.95 16.32
CA LEU C 141 11.55 3.88 14.86
C LEU C 141 12.53 2.82 14.38
N PHE C 142 13.77 3.01 14.75
CA PHE C 142 14.86 2.10 14.40
C PHE C 142 14.59 0.67 14.82
N ARG C 143 14.07 0.51 16.03
CA ARG C 143 13.81 -0.83 16.58
C ARG C 143 12.67 -1.53 15.86
N ALA C 144 11.74 -0.73 15.37
CA ALA C 144 10.61 -1.23 14.60
C ALA C 144 11.06 -1.75 13.26
N ILE C 145 11.93 -0.99 12.60
CA ILE C 145 12.44 -1.40 11.29
C ILE C 145 13.29 -2.67 11.47
N GLU C 146 14.18 -2.62 12.45
CA GLU C 146 15.06 -3.75 12.74
C GLU C 146 14.25 -5.01 13.09
N GLY C 147 13.32 -4.86 14.00
CA GLY C 147 12.43 -5.96 14.40
C GLY C 147 11.73 -6.60 13.22
N TYR C 148 11.12 -5.75 12.40
CA TYR C 148 10.41 -6.20 11.16
C TYR C 148 11.32 -7.05 10.29
N VAL C 149 12.52 -6.54 10.02
CA VAL C 149 13.51 -7.27 9.21
C VAL C 149 13.91 -8.63 9.79
N LEU C 150 14.17 -8.68 11.09
CA LEU C 150 14.60 -9.93 11.79
C LEU C 150 13.49 -10.95 11.84
N ALA C 151 12.27 -10.44 12.05
CA ALA C 151 11.09 -11.30 12.07
C ALA C 151 10.62 -11.76 10.68
N ASN C 152 11.04 -11.09 9.62
CA ASN C 152 10.64 -11.44 8.23
C ASN C 152 11.87 -11.55 7.30
N PRO C 153 12.74 -12.57 7.52
CA PRO C 153 14.06 -12.57 6.87
C PRO C 153 14.03 -12.67 5.35
N THR C 154 13.02 -13.36 4.84
CA THR C 154 12.83 -13.55 3.41
C THR C 154 12.33 -12.28 2.67
N GLN C 155 11.69 -11.35 3.39
CA GLN C 155 11.13 -10.14 2.78
C GLN C 155 12.16 -9.11 2.38
N TYR C 156 13.36 -9.19 2.94
CA TYR C 156 14.44 -8.30 2.50
C TYR C 156 15.64 -9.09 2.04
N GLY D 1 10.94 -42.51 16.13
CA GLY D 1 12.09 -42.17 17.00
C GLY D 1 11.99 -40.75 17.45
N VAL D 2 12.93 -40.34 18.28
CA VAL D 2 13.00 -38.99 18.76
C VAL D 2 14.38 -38.38 18.50
N PHE D 3 14.38 -37.20 17.88
CA PHE D 3 15.60 -36.52 17.49
C PHE D 3 15.56 -35.17 18.14
N THR D 4 16.65 -34.83 18.80
CA THR D 4 16.67 -33.77 19.78
C THR D 4 17.81 -32.84 19.43
N PHE D 5 17.44 -31.57 19.30
CA PHE D 5 18.37 -30.47 18.95
C PHE D 5 18.29 -29.33 19.99
N GLU D 6 19.38 -28.61 20.20
CA GLU D 6 19.38 -27.46 21.11
C GLU D 6 20.00 -26.26 20.46
N ASP D 7 19.36 -25.13 20.69
CA ASP D 7 19.83 -23.86 20.18
C ASP D 7 19.75 -22.85 21.31
N GLU D 8 20.46 -21.76 21.13
CA GLU D 8 20.41 -20.61 22.04
C GLU D 8 20.35 -19.33 21.23
N ILE D 9 19.82 -18.30 21.85
CA ILE D 9 19.73 -16.97 21.23
C ILE D 9 19.79 -15.90 22.34
N THR D 10 20.51 -14.82 22.09
CA THR D 10 20.60 -13.70 23.05
C THR D 10 19.73 -12.49 22.72
N SER D 11 19.34 -11.79 23.76
CA SER D 11 18.61 -10.53 23.65
C SER D 11 19.17 -9.55 24.66
N THR D 12 19.06 -8.24 24.36
CA THR D 12 19.40 -7.18 25.37
C THR D 12 18.32 -7.08 26.45
N VAL D 13 17.11 -7.49 26.12
CA VAL D 13 15.92 -7.42 27.01
C VAL D 13 15.98 -8.40 28.16
N PRO D 14 15.71 -7.95 29.39
CA PRO D 14 15.70 -8.93 30.46
C PRO D 14 14.56 -9.95 30.41
N PRO D 15 14.80 -11.17 30.96
CA PRO D 15 13.88 -12.29 30.84
C PRO D 15 12.45 -12.08 31.34
N ALA D 16 12.28 -11.43 32.47
CA ALA D 16 10.92 -11.21 33.02
C ALA D 16 10.04 -10.50 31.99
N LYS D 17 10.57 -9.41 31.49
CA LYS D 17 9.94 -8.54 30.48
C LYS D 17 9.70 -9.34 29.19
N LEU D 18 10.73 -10.04 28.75
CA LEU D 18 10.61 -10.82 27.53
C LEU D 18 9.57 -11.91 27.71
N TYR D 19 9.51 -12.48 28.90
CA TYR D 19 8.59 -13.58 29.16
C TYR D 19 7.15 -13.11 29.26
N ASN D 20 6.91 -11.92 29.81
CA ASN D 20 5.56 -11.34 29.77
C ASN D 20 5.10 -11.15 28.36
N ALA D 21 6.01 -10.73 27.51
CA ALA D 21 5.71 -10.59 26.08
C ALA D 21 5.49 -11.94 25.41
N MET D 22 6.23 -12.97 25.80
CA MET D 22 5.99 -14.29 25.20
C MET D 22 4.51 -14.68 25.48
N LYS D 23 4.06 -14.44 26.70
CA LYS D 23 2.65 -14.69 27.11
C LYS D 23 1.59 -14.08 26.17
N ASP D 24 1.87 -12.91 25.61
CA ASP D 24 1.04 -12.29 24.57
C ASP D 24 1.47 -12.63 23.15
N ALA D 25 2.17 -13.76 22.93
CA ALA D 25 2.66 -14.11 21.56
C ALA D 25 1.54 -14.31 20.54
N ASP D 26 0.39 -14.78 21.02
CA ASP D 26 -0.78 -14.95 20.17
C ASP D 26 -1.28 -13.63 19.57
N SER D 27 -1.16 -12.55 20.31
CA SER D 27 -1.58 -11.22 19.82
C SER D 27 -0.44 -10.45 19.12
N ILE D 28 0.79 -10.77 19.48
CA ILE D 28 1.96 -10.09 18.95
C ILE D 28 2.31 -10.62 17.59
N THR D 29 2.51 -11.94 17.52
CA THR D 29 3.10 -12.55 16.34
C THR D 29 2.37 -12.22 15.02
N PRO D 30 1.03 -12.11 15.03
CA PRO D 30 0.36 -11.76 13.77
C PRO D 30 0.63 -10.36 13.25
N LYS D 31 0.96 -9.47 14.17
CA LYS D 31 1.30 -8.07 13.85
C LYS D 31 2.68 -7.90 13.20
N ILE D 32 3.67 -8.50 13.83
CA ILE D 32 5.05 -8.27 13.46
C ILE D 32 5.50 -9.25 12.39
N ILE D 33 5.17 -10.54 12.55
CA ILE D 33 5.42 -11.56 11.50
C ILE D 33 4.37 -11.44 10.38
N ASP D 34 4.86 -11.34 9.15
CA ASP D 34 4.01 -11.01 8.02
C ASP D 34 3.11 -12.18 7.60
N ASP D 35 3.72 -13.34 7.41
CA ASP D 35 3.01 -14.60 7.11
C ASP D 35 1.86 -14.90 8.07
N VAL D 36 2.09 -14.66 9.36
CA VAL D 36 1.08 -14.96 10.41
C VAL D 36 -0.04 -13.93 10.40
N LYS D 37 -1.25 -14.47 10.38
CA LYS D 37 -2.49 -13.68 10.25
C LYS D 37 -3.35 -13.69 11.49
N SER D 38 -3.44 -14.84 12.13
CA SER D 38 -4.07 -14.90 13.47
C SER D 38 -3.71 -16.18 14.20
N VAL D 39 -4.06 -16.18 15.48
CA VAL D 39 -3.77 -17.29 16.41
C VAL D 39 -5.00 -17.45 17.30
N GLU D 40 -5.77 -18.50 17.08
CA GLU D 40 -7.05 -18.65 17.78
C GLU D 40 -7.05 -19.84 18.74
N ILE D 41 -7.49 -19.67 19.98
CA ILE D 41 -7.66 -20.83 20.89
C ILE D 41 -8.88 -21.62 20.37
N VAL D 42 -8.67 -22.86 19.97
CA VAL D 42 -9.74 -23.75 19.44
C VAL D 42 -10.36 -24.59 20.53
N GLU D 43 -9.53 -25.07 21.43
CA GLU D 43 -9.97 -25.85 22.58
C GLU D 43 -9.02 -25.56 23.71
N GLY D 44 -9.53 -25.51 24.92
CA GLY D 44 -8.72 -25.21 26.10
C GLY D 44 -8.79 -23.74 26.47
N ASN D 45 -8.21 -23.43 27.63
CA ASN D 45 -8.10 -22.03 28.15
C ASN D 45 -6.74 -21.34 27.95
N GLY D 46 -5.86 -21.98 27.19
CA GLY D 46 -4.44 -21.54 26.99
C GLY D 46 -3.46 -22.22 27.95
N GLY D 47 -4.01 -23.00 28.87
CA GLY D 47 -3.21 -23.85 29.76
C GLY D 47 -2.78 -25.13 29.01
N PRO D 48 -1.96 -25.96 29.68
CA PRO D 48 -1.65 -27.28 29.12
C PRO D 48 -2.85 -28.08 28.63
N GLY D 49 -2.70 -28.66 27.44
CA GLY D 49 -3.81 -29.28 26.71
C GLY D 49 -4.46 -28.39 25.65
N THR D 50 -4.30 -27.09 25.78
CA THR D 50 -4.84 -26.12 24.79
C THR D 50 -4.38 -26.41 23.36
N ILE D 51 -5.28 -26.24 22.41
CA ILE D 51 -4.97 -26.34 21.02
C ILE D 51 -5.20 -24.97 20.43
N LYS D 52 -4.22 -24.50 19.68
CA LYS D 52 -4.28 -23.20 18.97
C LYS D 52 -4.20 -23.39 17.49
N LYS D 53 -5.02 -22.64 16.77
CA LYS D 53 -4.96 -22.63 15.31
C LYS D 53 -4.25 -21.35 14.83
N LEU D 54 -3.08 -21.54 14.23
CA LEU D 54 -2.41 -20.49 13.53
C LEU D 54 -2.82 -20.50 12.09
N THR D 55 -2.96 -19.31 11.54
CA THR D 55 -3.34 -19.12 10.14
C THR D 55 -2.23 -18.38 9.44
N ILE D 56 -1.60 -19.09 8.52
CA ILE D 56 -0.39 -18.64 7.85
C ILE D 56 -0.79 -18.31 6.42
N VAL D 57 0.05 -17.53 5.75
CA VAL D 57 0.01 -17.36 4.30
C VAL D 57 1.39 -17.63 3.73
N GLU D 58 1.46 -18.64 2.89
CA GLU D 58 2.74 -19.11 2.34
C GLU D 58 2.49 -19.09 0.85
N ASP D 59 3.07 -18.09 0.18
CA ASP D 59 2.95 -17.92 -1.31
C ASP D 59 1.51 -17.68 -1.77
N GLY D 60 0.84 -16.77 -1.07
CA GLY D 60 -0.58 -16.42 -1.31
C GLY D 60 -1.63 -17.50 -1.06
N GLU D 61 -1.21 -18.53 -0.35
CA GLU D 61 -2.08 -19.68 -0.03
C GLU D 61 -2.24 -19.65 1.49
N THR D 62 -3.50 -19.70 1.93
CA THR D 62 -3.82 -19.83 3.36
C THR D 62 -3.63 -21.26 3.87
N LYS D 63 -2.79 -21.41 4.88
CA LYS D 63 -2.52 -22.69 5.53
C LYS D 63 -2.86 -22.59 7.01
N PHE D 64 -2.97 -23.73 7.66
CA PHE D 64 -3.19 -23.76 9.12
C PHE D 64 -2.04 -24.52 9.81
N ILE D 65 -1.77 -24.16 11.04
CA ILE D 65 -0.86 -24.93 11.87
C ILE D 65 -1.56 -25.10 13.20
N LEU D 66 -1.41 -26.27 13.78
CA LEU D 66 -2.02 -26.54 15.05
C LEU D 66 -0.96 -26.66 16.11
N HIS D 67 -1.08 -25.90 17.19
CA HIS D 67 -0.18 -26.04 18.35
C HIS D 67 -0.88 -26.68 19.48
N LYS D 68 -0.20 -27.57 20.19
CA LYS D 68 -0.69 -28.01 21.49
C LYS D 68 0.20 -27.37 22.56
N VAL D 69 -0.39 -26.76 23.57
CA VAL D 69 0.39 -26.30 24.69
C VAL D 69 0.72 -27.49 25.57
N GLU D 70 1.99 -27.67 25.84
CA GLU D 70 2.47 -28.83 26.61
C GLU D 70 2.60 -28.49 28.11
N SER D 71 3.33 -27.44 28.39
CA SER D 71 3.51 -27.00 29.77
C SER D 71 3.89 -25.55 29.84
N ILE D 72 3.72 -24.99 31.03
CA ILE D 72 4.08 -23.58 31.27
C ILE D 72 4.58 -23.45 32.70
N ASP D 73 5.88 -23.24 32.85
CA ASP D 73 6.46 -22.89 34.17
C ASP D 73 6.86 -21.41 34.21
N GLU D 74 5.96 -20.57 34.70
CA GLU D 74 6.20 -19.10 34.78
C GLU D 74 7.31 -18.70 35.74
N ALA D 75 7.58 -19.55 36.72
CA ALA D 75 8.74 -19.41 37.63
C ALA D 75 10.07 -19.41 36.86
N ASN D 76 10.19 -20.32 35.90
CA ASN D 76 11.42 -20.46 35.08
C ASN D 76 11.35 -19.88 33.69
N TYR D 77 10.44 -18.96 33.50
CA TYR D 77 10.20 -18.35 32.20
C TYR D 77 10.10 -19.41 31.08
N ALA D 78 9.48 -20.53 31.40
CA ALA D 78 9.38 -21.67 30.47
C ALA D 78 8.00 -21.80 29.80
N TYR D 79 8.03 -22.25 28.57
CA TYR D 79 6.85 -22.42 27.77
C TYR D 79 7.15 -23.46 26.70
N ASN D 80 6.41 -24.55 26.78
CA ASN D 80 6.60 -25.71 25.92
C ASN D 80 5.33 -25.94 25.12
N TYR D 81 5.50 -26.07 23.80
CA TYR D 81 4.36 -26.34 22.93
C TYR D 81 4.78 -27.30 21.84
N SER D 82 3.80 -28.00 21.29
CA SER D 82 4.01 -28.95 20.18
C SER D 82 3.27 -28.58 18.89
N VAL D 83 3.96 -28.65 17.78
CA VAL D 83 3.30 -28.61 16.47
C VAL D 83 2.70 -29.99 16.27
N VAL D 84 1.38 -30.06 16.23
CA VAL D 84 0.64 -31.33 16.09
C VAL D 84 -0.19 -31.48 14.82
N GLY D 85 -0.27 -30.42 14.06
CA GLY D 85 -1.04 -30.44 12.82
C GLY D 85 -0.67 -29.34 11.85
N GLY D 86 -1.14 -29.51 10.63
CA GLY D 86 -0.95 -28.49 9.62
C GLY D 86 0.32 -28.65 8.85
N VAL D 87 0.64 -27.60 8.12
CA VAL D 87 1.82 -27.54 7.21
C VAL D 87 3.14 -27.67 7.94
N ALA D 88 3.25 -27.01 9.07
CA ALA D 88 4.47 -27.06 9.88
C ALA D 88 4.88 -28.46 10.33
N LEU D 89 4.06 -29.46 10.06
CA LEU D 89 4.32 -30.85 10.44
C LEU D 89 4.47 -31.71 9.23
N PRO D 90 5.66 -32.28 9.01
CA PRO D 90 5.87 -33.22 7.90
C PRO D 90 5.06 -34.49 8.01
N PRO D 91 4.74 -35.11 6.87
CA PRO D 91 3.99 -36.38 6.94
C PRO D 91 4.74 -37.56 7.57
N THR D 92 6.08 -37.49 7.56
CA THR D 92 6.98 -38.44 8.29
C THR D 92 6.91 -38.31 9.84
N ALA D 93 6.35 -37.18 10.32
CA ALA D 93 6.51 -36.71 11.72
C ALA D 93 5.26 -36.82 12.53
N GLU D 94 5.34 -37.45 13.70
CA GLU D 94 4.21 -37.60 14.61
C GLU D 94 3.92 -36.27 15.25
N LYS D 95 4.96 -35.66 15.74
CA LYS D 95 4.91 -34.25 16.22
C LYS D 95 6.29 -33.62 16.40
N ILE D 96 6.32 -32.29 16.52
CA ILE D 96 7.56 -31.50 16.81
C ILE D 96 7.31 -30.63 18.01
N THR D 97 8.16 -30.75 18.99
CA THR D 97 7.96 -30.09 20.25
C THR D 97 9.01 -29.01 20.43
N PHE D 98 8.57 -27.84 20.84
CA PHE D 98 9.42 -26.68 21.09
C PHE D 98 9.37 -26.47 22.59
N GLU D 99 10.48 -26.70 23.26
CA GLU D 99 10.58 -26.41 24.71
C GLU D 99 11.44 -25.16 24.85
N THR D 100 10.81 -24.09 25.35
CA THR D 100 11.46 -22.79 25.51
C THR D 100 11.69 -22.45 26.95
N LYS D 101 12.72 -21.68 27.15
CA LYS D 101 13.10 -21.23 28.48
C LYS D 101 13.98 -19.95 28.31
N LEU D 102 13.66 -18.91 29.07
CA LEU D 102 14.47 -17.70 29.16
C LEU D 102 15.25 -17.76 30.45
N VAL D 103 16.52 -17.38 30.35
CA VAL D 103 17.42 -17.26 31.54
C VAL D 103 18.23 -16.00 31.43
N GLU D 104 18.83 -15.61 32.54
CA GLU D 104 19.52 -14.34 32.63
C GLU D 104 20.81 -14.39 31.84
N GLY D 105 21.00 -13.36 31.03
CA GLY D 105 22.26 -13.16 30.30
C GLY D 105 23.23 -12.43 31.24
N PRO D 106 24.53 -12.45 30.92
CA PRO D 106 25.52 -11.90 31.87
C PRO D 106 25.52 -10.37 32.02
N ASN D 107 24.87 -9.63 31.13
CA ASN D 107 24.79 -8.13 31.20
C ASN D 107 23.43 -7.57 31.63
N GLY D 108 22.61 -8.42 32.23
CA GLY D 108 21.20 -8.08 32.54
C GLY D 108 20.26 -8.20 31.35
N GLY D 109 20.74 -8.85 30.29
CA GLY D 109 19.94 -9.18 29.11
C GLY D 109 19.30 -10.53 29.36
N SER D 110 19.11 -11.29 28.29
CA SER D 110 18.63 -12.68 28.44
C SER D 110 19.04 -13.64 27.34
N ILE D 111 18.87 -14.91 27.66
CA ILE D 111 19.28 -16.03 26.80
C ILE D 111 18.12 -16.94 26.59
N GLY D 112 17.69 -17.02 25.35
CA GLY D 112 16.63 -17.93 24.95
C GLY D 112 17.24 -19.28 24.69
N LYS D 113 16.67 -20.28 25.35
CA LYS D 113 17.09 -21.63 25.19
C LYS D 113 15.99 -22.46 24.58
N LEU D 114 16.20 -22.90 23.36
CA LEU D 114 15.28 -23.83 22.66
C LEU D 114 15.80 -25.27 22.68
N THR D 115 14.94 -26.18 23.10
CA THR D 115 15.14 -27.63 22.88
C THR D 115 14.05 -28.12 21.94
N LEU D 116 14.44 -28.47 20.74
CA LEU D 116 13.53 -28.95 19.74
C LEU D 116 13.53 -30.50 19.71
N LYS D 117 12.39 -31.11 19.94
CA LYS D 117 12.23 -32.58 19.91
C LYS D 117 11.34 -32.99 18.77
N TYR D 118 11.96 -33.56 17.76
CA TYR D 118 11.29 -33.95 16.50
C TYR D 118 10.91 -35.46 16.57
N HIS D 119 9.64 -35.73 16.77
CA HIS D 119 9.12 -37.12 16.91
C HIS D 119 8.72 -37.63 15.54
N THR D 120 9.34 -38.73 15.15
CA THR D 120 9.12 -39.34 13.85
C THR D 120 8.28 -40.57 13.99
N LYS D 121 7.60 -40.91 12.90
CA LYS D 121 6.80 -42.15 12.79
C LYS D 121 7.74 -43.30 12.28
N GLY D 122 7.78 -44.40 13.03
CA GLY D 122 8.65 -45.54 12.71
C GLY D 122 10.14 -45.18 12.68
N ASP D 123 10.81 -45.64 11.63
CA ASP D 123 12.27 -45.47 11.46
C ASP D 123 12.71 -44.22 10.73
N ALA D 124 11.77 -43.35 10.39
CA ALA D 124 12.11 -42.14 9.64
C ALA D 124 13.03 -41.25 10.46
N LYS D 125 13.98 -40.64 9.77
CA LYS D 125 14.80 -39.60 10.36
C LYS D 125 14.17 -38.26 9.94
N PRO D 126 14.37 -37.17 10.70
CA PRO D 126 13.95 -35.86 10.30
C PRO D 126 14.56 -35.37 9.01
N ASP D 127 13.78 -34.58 8.28
CA ASP D 127 14.26 -33.91 7.07
C ASP D 127 15.21 -32.73 7.40
N GLU D 128 16.41 -32.72 6.82
CA GLU D 128 17.37 -31.64 7.11
C GLU D 128 16.77 -30.25 6.81
N GLU D 129 15.93 -30.20 5.78
CA GLU D 129 15.26 -28.96 5.35
C GLU D 129 14.24 -28.50 6.34
N GLU D 130 13.37 -29.41 6.75
CA GLU D 130 12.33 -29.06 7.75
C GLU D 130 12.92 -28.73 9.14
N LEU D 131 14.11 -29.23 9.42
CA LEU D 131 14.85 -28.72 10.56
C LEU D 131 15.28 -27.30 10.37
N LYS D 132 15.82 -26.93 9.21
CA LYS D 132 16.18 -25.52 8.94
C LYS D 132 14.96 -24.64 9.19
N LYS D 133 13.83 -25.01 8.61
CA LYS D 133 12.54 -24.30 8.82
C LYS D 133 12.16 -24.19 10.31
N GLY D 134 12.32 -25.28 11.06
CA GLY D 134 11.91 -25.36 12.50
C GLY D 134 12.71 -24.44 13.39
N LYS D 135 14.01 -24.56 13.24
CA LYS D 135 14.95 -23.69 13.88
C LYS D 135 14.65 -22.21 13.48
N ALA D 136 14.38 -21.96 12.20
CA ALA D 136 14.11 -20.58 11.72
C ALA D 136 12.80 -20.02 12.27
N LYS D 137 11.79 -20.86 12.37
CA LYS D 137 10.52 -20.40 12.92
C LYS D 137 10.72 -19.99 14.36
N GLY D 138 11.47 -20.79 15.10
CA GLY D 138 11.75 -20.49 16.53
C GLY D 138 12.55 -19.22 16.76
N GLU D 139 13.46 -18.94 15.84
CA GLU D 139 14.23 -17.69 15.89
C GLU D 139 13.32 -16.48 15.62
N GLY D 140 12.47 -16.59 14.60
CA GLY D 140 11.53 -15.52 14.24
C GLY D 140 10.56 -15.20 15.35
N LEU D 141 10.13 -16.24 16.06
CA LEU D 141 9.22 -16.09 17.19
C LEU D 141 9.90 -15.14 18.18
N PHE D 142 11.08 -15.56 18.59
CA PHE D 142 11.90 -14.83 19.57
C PHE D 142 12.15 -13.38 19.16
N ARG D 143 12.44 -13.19 17.89
CA ARG D 143 12.75 -11.89 17.35
C ARG D 143 11.53 -11.00 17.27
N ALA D 144 10.38 -11.62 17.09
CA ALA D 144 9.09 -10.89 17.08
C ALA D 144 8.75 -10.37 18.45
N ILE D 145 8.92 -11.20 19.47
CA ILE D 145 8.64 -10.81 20.85
C ILE D 145 9.62 -9.71 21.25
N GLU D 146 10.89 -9.96 20.96
CA GLU D 146 11.95 -9.02 21.30
C GLU D 146 11.67 -7.69 20.60
N GLY D 147 11.42 -7.75 19.30
CA GLY D 147 11.12 -6.55 18.50
C GLY D 147 9.99 -5.72 19.07
N TYR D 148 8.90 -6.41 19.36
CA TYR D 148 7.69 -5.78 19.98
C TYR D 148 8.06 -5.05 21.24
N VAL D 149 8.79 -5.73 22.11
CA VAL D 149 9.24 -5.12 23.38
C VAL D 149 10.10 -3.84 23.19
N LEU D 150 11.05 -3.92 22.28
CA LEU D 150 11.98 -2.81 22.04
C LEU D 150 11.27 -1.64 21.39
N ALA D 151 10.37 -1.99 20.49
CA ALA D 151 9.56 -0.96 19.80
C ALA D 151 8.60 -0.22 20.73
N ASN D 152 8.15 -0.87 21.80
CA ASN D 152 7.15 -0.30 22.74
C ASN D 152 7.61 -0.44 24.18
N PRO D 153 8.56 0.38 24.61
CA PRO D 153 9.17 0.17 25.92
C PRO D 153 8.18 0.32 27.07
N THR D 154 7.24 1.22 26.87
CA THR D 154 6.25 1.53 27.92
C THR D 154 5.31 0.36 28.18
N GLN D 155 5.00 -0.36 27.12
CA GLN D 155 4.03 -1.46 27.21
C GLN D 155 4.42 -2.58 28.18
N TYR D 156 5.72 -2.77 28.36
CA TYR D 156 6.23 -3.75 29.35
C TYR D 156 7.09 -3.17 30.51
C1 DHC E . 0.72 18.25 -13.26
O1 DHC E . 1.72 18.33 -12.52
C2 DHC E . 0.96 17.83 -14.67
C3 DHC E . -0.04 17.70 -15.53
C1' DHC E . 0.14 17.26 -16.94
C2' DHC E . -1.04 17.04 -17.65
C3' DHC E . -1.00 16.61 -18.98
C4' DHC E . 0.27 16.38 -19.67
C5' DHC E . 1.43 16.63 -18.92
C6' DHC E . 1.37 17.06 -17.58
O4' DHC E . 0.27 15.98 -20.99
O3' DHC E . -2.16 16.39 -19.65
O2 DHC E . -0.44 18.51 -12.85
C1 DHC F . -10.58 19.44 -14.58
O1 DHC F . -9.51 19.77 -14.01
C2 DHC F . -10.61 19.31 -16.07
C3 DHC F . -9.56 19.61 -16.88
C1' DHC F . -9.59 19.46 -18.36
C2' DHC F . -8.43 19.75 -19.09
C3' DHC F . -8.39 19.60 -20.51
C4' DHC F . -9.58 19.12 -21.23
C5' DHC F . -10.71 18.84 -20.47
C6' DHC F . -10.72 19.00 -19.07
O4' DHC F . -9.54 18.96 -22.60
O3' DHC F . -7.28 19.87 -21.27
O2 DHC F . -11.61 19.23 -13.90
C1 DHC G . -14.11 -5.81 -20.45
O1 DHC G . -12.88 -6.25 -20.21
C2 DHC G . -14.99 -5.59 -19.30
C3 DHC G . -14.78 -6.24 -18.15
C1' DHC G . -15.71 -6.06 -16.99
C2' DHC G . -15.68 -6.95 -15.93
C3' DHC G . -16.57 -6.76 -14.85
C4' DHC G . -17.53 -5.64 -14.84
C5' DHC G . -17.51 -4.78 -15.91
C6' DHC G . -16.62 -4.96 -16.95
O4' DHC G . -18.39 -5.49 -13.77
O3' DHC G . -16.59 -7.60 -13.78
O2 DHC G . -14.58 -5.58 -21.63
C1 DHC H . -6.02 -9.07 -11.97
O1 DHC H . -4.87 -9.54 -11.78
C2 DHC H . -6.86 -8.69 -10.79
C3 DHC H . -8.01 -8.00 -10.92
C1' DHC H . -8.87 -7.52 -9.81
C2' DHC H . -9.87 -6.62 -10.15
C3' DHC H . -10.70 -6.07 -9.19
C4' DHC H . -10.53 -6.46 -7.76
C5' DHC H . -9.50 -7.35 -7.48
C6' DHC H . -8.69 -7.88 -8.48
O4' DHC H . -11.35 -6.00 -6.72
O3' DHC H . -11.69 -5.20 -9.61
O2 DHC H . -6.41 -8.90 -13.16
NA NA I . -17.79 3.26 -22.87
CL CL J . -16.09 -10.32 -18.35
C1 DHC K . 18.85 6.93 17.53
O1 DHC K . 19.91 7.09 18.18
C2 DHC K . 18.97 6.63 16.09
C3 DHC K . 17.88 6.53 15.33
C1' DHC K . 17.92 6.22 13.88
C2' DHC K . 16.69 6.00 13.25
C3' DHC K . 16.63 5.66 11.88
C4' DHC K . 17.92 5.56 11.11
C5' DHC K . 19.12 5.81 11.78
C6' DHC K . 19.11 6.12 13.14
O4' DHC K . 17.98 5.27 9.79
O3' DHC K . 15.40 5.45 11.31
O2 DHC K . 17.73 7.02 18.08
C1 DHC L . 7.24 7.84 15.66
O1 DHC L . 8.27 8.31 16.15
C2 DHC L . 7.19 7.57 14.20
C3 DHC L . 8.24 7.89 13.40
C1' DHC L . 8.25 7.71 11.92
C2' DHC L . 9.37 8.18 11.21
C3' DHC L . 9.43 8.07 9.81
C4' DHC L . 8.30 7.45 9.07
C5' DHC L . 7.20 7.01 9.81
C6' DHC L . 7.18 7.13 11.20
O4' DHC L . 8.34 7.34 7.70
O3' DHC L . 10.51 8.51 9.10
O2 DHC L . 6.26 7.62 16.40
NA NA M . -0.40 0.03 15.53
C1 DHC N . 15.81 -20.40 19.81
O1 DHC N . 16.98 -20.79 20.00
C2 DHC N . 15.05 -19.95 21.00
C3 DHC N . 13.77 -19.56 20.93
C1' DHC N . 12.97 -19.11 22.11
C2' DHC N . 11.67 -18.67 21.87
C3' DHC N . 10.84 -18.23 22.91
C4' DHC N . 11.37 -18.22 24.32
C5' DHC N . 12.66 -18.66 24.49
C6' DHC N . 13.45 -19.10 23.43
O4' DHC N . 10.64 -17.84 25.44
O3' DHC N . 9.57 -17.84 22.59
O2 DHC N . 15.31 -20.42 18.66
C1 DHC O . 5.52 -19.19 13.28
O1 DHC O . 6.92 -19.04 13.44
C2 DHC O . 4.71 -18.87 14.46
C3 DHC O . 5.27 -18.91 15.69
C1' DHC O . 4.37 -18.69 16.86
C2' DHC O . 4.57 -19.32 18.09
C3' DHC O . 3.65 -19.16 19.13
C4' DHC O . 2.44 -18.32 18.92
C5' DHC O . 2.28 -17.72 17.69
C6' DHC O . 3.23 -17.89 16.67
O4' DHC O . 1.54 -18.15 19.93
O3' DHC O . 3.82 -19.76 20.35
O2 DHC O . 4.87 -19.62 12.18
#